data_1V6C
#
_entry.id   1V6C
#
_cell.length_a   122.942
_cell.length_b   138.476
_cell.length_c   64.772
_cell.angle_alpha   90.00
_cell.angle_beta   97.48
_cell.angle_gamma   90.00
#
_symmetry.space_group_name_H-M   'C 1 2 1'
#
loop_
_entity.id
_entity.type
_entity.pdbx_description
1 polymer 'alkaline serine protease'
2 non-polymer 'CALCIUM ION'
3 non-polymer 'SULFATE ION'
4 non-polymer 'phenylmethanesulfonic acid'
5 water water
#
_entity_poly.entity_id   1
_entity_poly.type   'polypeptide(L)'
_entity_poly.pdbx_seq_one_letter_code
;AETTPWGQTFVGATVLSDSQAGNRTICIIDSGYDRSHNDLNANNVTGTNNSGTGNWYQPGNNNAHGTHVAGTIAAIANNE
GVVGVMPNQNANIHIVKVFNEAGWGYSSSLVAAIDTCVNSGGANVVTMSLGGSGSTTTERNALNTHYNNGVLLIAAAGNA
GDSSYSYPASYDSVMSVAAVDSNLDHAAFSQYTDQVEISGPGEAILSTVTVGEGRLADITIGGQSYFSNGVVPHNRLTPS
GTSYAPAPINASATGALAECTVNGTSFSCGNMANKICLVERVGNQGSSYPEINSTKACKTAGAKGIIVYSNSALPGLQNP
FLVDANSDITVPSVSVDRATGLALKAKLGQSTTVSNQGNQDYEYYNGTSMATPHVSGVATLVWSYHPECSASQVRAALNA
TADDLSVAGRDNQTGYGMINAVAAKAYLDESCTGPTDPGTG
;
_entity_poly.pdbx_strand_id   A,B
#
loop_
_chem_comp.id
_chem_comp.type
_chem_comp.name
_chem_comp.formula
CA non-polymer 'CALCIUM ION' 'Ca 2'
PMS non-polymer 'phenylmethanesulfonic acid' 'C7 H8 O3 S'
SO4 non-polymer 'SULFATE ION' 'O4 S -2'
#
# COMPACT_ATOMS: atom_id res chain seq x y z
N ALA A 1 -32.34 -22.74 23.33
CA ALA A 1 -30.96 -23.20 23.66
C ALA A 1 -29.95 -22.17 23.18
N GLU A 2 -28.95 -21.91 24.01
CA GLU A 2 -27.92 -20.93 23.67
C GLU A 2 -26.55 -21.59 23.66
N THR A 3 -25.80 -21.34 22.59
CA THR A 3 -24.48 -21.94 22.45
C THR A 3 -23.35 -20.93 22.69
N THR A 4 -22.25 -21.43 23.25
CA THR A 4 -21.08 -20.61 23.51
C THR A 4 -20.01 -21.03 22.50
N PRO A 5 -19.81 -20.23 21.43
CA PRO A 5 -18.79 -20.60 20.45
C PRO A 5 -17.41 -20.78 21.11
N TRP A 6 -16.63 -21.71 20.57
CA TRP A 6 -15.31 -22.01 21.13
C TRP A 6 -14.44 -20.80 21.40
N GLY A 7 -14.47 -19.82 20.50
CA GLY A 7 -13.67 -18.63 20.68
C GLY A 7 -13.93 -17.92 21.99
N GLN A 8 -15.20 -17.85 22.39
CA GLN A 8 -15.57 -17.19 23.63
C GLN A 8 -14.92 -17.87 24.83
N THR A 9 -14.89 -19.19 24.81
CA THR A 9 -14.29 -19.97 25.89
C THR A 9 -12.77 -19.89 25.89
N PHE A 10 -12.17 -19.99 24.70
CA PHE A 10 -10.71 -19.95 24.58
C PHE A 10 -10.05 -18.66 25.06
N VAL A 11 -10.70 -17.52 24.84
CA VAL A 11 -10.13 -16.25 25.26
C VAL A 11 -10.35 -15.98 26.74
N GLY A 12 -11.16 -16.81 27.39
CA GLY A 12 -11.43 -16.66 28.81
C GLY A 12 -12.48 -15.65 29.21
N ALA A 13 -13.24 -15.14 28.25
CA ALA A 13 -14.27 -14.15 28.55
C ALA A 13 -15.43 -14.71 29.38
N THR A 14 -15.71 -16.00 29.24
CA THR A 14 -16.81 -16.62 29.96
C THR A 14 -16.67 -16.67 31.48
N VAL A 15 -15.45 -16.64 31.99
CA VAL A 15 -15.22 -16.71 33.43
C VAL A 15 -15.18 -15.35 34.12
N LEU A 16 -15.04 -14.28 33.35
CA LEU A 16 -15.03 -12.94 33.92
C LEU A 16 -16.45 -12.40 33.87
N SER A 17 -16.66 -11.20 34.40
CA SER A 17 -17.97 -10.57 34.40
C SER A 17 -17.91 -9.17 33.80
N ASP A 18 -18.87 -8.85 32.94
CA ASP A 18 -18.92 -7.55 32.30
C ASP A 18 -19.81 -6.58 33.09
N SER A 19 -20.05 -6.87 34.36
CA SER A 19 -20.92 -6.02 35.18
C SER A 19 -20.51 -4.55 35.21
N GLN A 20 -19.22 -4.27 35.01
CA GLN A 20 -18.73 -2.89 35.02
C GLN A 20 -18.47 -2.32 33.63
N ALA A 21 -18.71 -3.12 32.59
CA ALA A 21 -18.46 -2.69 31.23
C ALA A 21 -19.19 -1.39 30.85
N GLY A 22 -20.13 -0.97 31.69
CA GLY A 22 -20.84 0.26 31.42
C GLY A 22 -19.92 1.47 31.47
N ASN A 23 -18.74 1.31 32.06
CA ASN A 23 -17.81 2.43 32.16
C ASN A 23 -16.89 2.52 30.93
N ARG A 24 -17.12 1.62 29.98
CA ARG A 24 -16.34 1.57 28.74
C ARG A 24 -17.26 1.71 27.54
N THR A 25 -16.70 2.19 26.43
CA THR A 25 -17.45 2.34 25.18
C THR A 25 -16.59 1.82 24.04
N ILE A 26 -17.11 0.85 23.30
CA ILE A 26 -16.38 0.30 22.17
C ILE A 26 -17.12 0.67 20.89
N CYS A 27 -16.39 1.23 19.92
CA CYS A 27 -16.99 1.63 18.66
C CYS A 27 -16.58 0.68 17.55
N ILE A 28 -17.57 0.17 16.84
CA ILE A 28 -17.34 -0.77 15.75
C ILE A 28 -17.49 -0.07 14.40
N ILE A 29 -16.38 0.11 13.71
CA ILE A 29 -16.38 0.74 12.38
C ILE A 29 -16.50 -0.45 11.44
N ASP A 30 -17.67 -0.62 10.83
CA ASP A 30 -17.90 -1.76 9.95
C ASP A 30 -19.12 -1.56 9.03
N SER A 31 -19.81 -2.66 8.70
CA SER A 31 -20.95 -2.58 7.80
C SER A 31 -22.32 -2.39 8.46
N GLY A 32 -22.34 -1.85 9.67
CA GLY A 32 -23.62 -1.65 10.31
C GLY A 32 -23.93 -2.71 11.35
N TYR A 33 -25.09 -2.56 11.99
CA TYR A 33 -25.51 -3.44 13.08
C TYR A 33 -27.00 -3.76 12.94
N ASP A 34 -27.37 -5.02 12.75
CA ASP A 34 -28.78 -5.37 12.62
C ASP A 34 -29.44 -5.32 14.00
N ARG A 35 -29.95 -4.14 14.35
CA ARG A 35 -30.58 -3.94 15.64
C ARG A 35 -31.88 -4.72 15.81
N SER A 36 -32.40 -5.27 14.71
CA SER A 36 -33.65 -6.03 14.79
C SER A 36 -33.41 -7.46 15.26
N HIS A 37 -32.14 -7.87 15.26
CA HIS A 37 -31.76 -9.23 15.69
C HIS A 37 -32.01 -9.44 17.18
N ASN A 38 -32.61 -10.59 17.53
CA ASN A 38 -32.90 -10.89 18.93
C ASN A 38 -31.68 -10.86 19.84
N ASP A 39 -30.53 -11.27 19.32
CA ASP A 39 -29.31 -11.30 20.13
C ASP A 39 -28.54 -9.97 20.14
N LEU A 40 -29.10 -8.95 19.51
CA LEU A 40 -28.44 -7.63 19.46
C LEU A 40 -29.34 -6.42 19.77
N ASN A 41 -30.64 -6.60 19.62
CA ASN A 41 -31.60 -5.52 19.84
C ASN A 41 -31.50 -4.77 21.17
N ALA A 42 -31.43 -5.52 22.26
CA ALA A 42 -31.41 -4.93 23.60
C ALA A 42 -30.05 -4.57 24.19
N ASN A 43 -29.05 -4.31 23.34
CA ASN A 43 -27.74 -3.92 23.85
C ASN A 43 -27.76 -2.40 24.05
N ASN A 44 -26.81 -1.88 24.82
CA ASN A 44 -26.73 -0.44 25.02
C ASN A 44 -25.95 0.07 23.83
N VAL A 45 -26.60 0.00 22.67
CA VAL A 45 -25.99 0.39 21.42
C VAL A 45 -26.56 1.67 20.80
N THR A 46 -25.67 2.51 20.31
CA THR A 46 -26.05 3.76 19.66
C THR A 46 -25.20 3.84 18.40
N GLY A 47 -25.46 4.85 17.58
CA GLY A 47 -24.69 5.00 16.35
C GLY A 47 -24.81 6.38 15.75
N THR A 48 -23.91 6.70 14.82
CA THR A 48 -23.92 7.99 14.16
C THR A 48 -24.06 7.79 12.65
N ASN A 49 -25.23 8.10 12.12
CA ASN A 49 -25.48 7.94 10.69
C ASN A 49 -24.58 8.79 9.81
N ASN A 50 -24.34 8.30 8.60
CA ASN A 50 -23.54 9.02 7.62
C ASN A 50 -24.35 9.04 6.34
N SER A 51 -24.39 10.20 5.68
CA SER A 51 -25.17 10.36 4.45
C SER A 51 -24.95 9.28 3.39
N GLY A 52 -23.77 8.67 3.37
CA GLY A 52 -23.49 7.66 2.36
C GLY A 52 -23.85 6.22 2.67
N THR A 53 -24.20 5.93 3.92
CA THR A 53 -24.51 4.55 4.30
C THR A 53 -25.85 4.32 4.99
N GLY A 54 -26.79 5.24 4.82
CA GLY A 54 -28.10 5.08 5.43
C GLY A 54 -28.10 5.02 6.95
N ASN A 55 -28.85 4.07 7.50
CA ASN A 55 -28.93 3.92 8.96
C ASN A 55 -27.95 2.89 9.47
N TRP A 56 -27.23 3.24 10.54
CA TRP A 56 -26.25 2.33 11.12
C TRP A 56 -26.90 1.05 11.62
N TYR A 57 -28.16 1.16 12.04
CA TYR A 57 -28.89 0.02 12.57
C TYR A 57 -29.59 -0.85 11.52
N GLN A 58 -29.34 -0.55 10.25
CA GLN A 58 -29.92 -1.31 9.15
C GLN A 58 -28.83 -1.66 8.13
N PRO A 59 -28.17 -2.80 8.31
CA PRO A 59 -27.10 -3.20 7.39
C PRO A 59 -27.52 -3.30 5.92
N GLY A 60 -28.78 -3.66 5.69
CA GLY A 60 -29.23 -3.81 4.32
C GLY A 60 -29.10 -5.26 3.92
N ASN A 61 -29.06 -5.54 2.62
CA ASN A 61 -28.95 -6.91 2.14
C ASN A 61 -27.51 -7.32 1.83
N ASN A 62 -27.17 -8.55 2.21
CA ASN A 62 -25.83 -9.10 1.95
C ASN A 62 -24.75 -8.14 2.44
N ASN A 63 -24.92 -7.66 3.66
CA ASN A 63 -23.97 -6.73 4.26
C ASN A 63 -23.93 -7.02 5.76
N ALA A 64 -23.84 -8.31 6.09
CA ALA A 64 -23.86 -8.78 7.48
C ALA A 64 -22.54 -8.80 8.26
N HIS A 65 -21.43 -8.43 7.60
CA HIS A 65 -20.12 -8.46 8.26
C HIS A 65 -20.08 -7.77 9.63
N GLY A 66 -20.57 -6.53 9.68
CA GLY A 66 -20.55 -5.79 10.93
C GLY A 66 -21.40 -6.42 12.01
N THR A 67 -22.46 -7.12 11.60
CA THR A 67 -23.35 -7.77 12.56
C THR A 67 -22.66 -8.99 13.16
N HIS A 68 -21.89 -9.71 12.35
CA HIS A 68 -21.18 -10.90 12.82
C HIS A 68 -20.11 -10.42 13.82
N VAL A 69 -19.39 -9.37 13.45
CA VAL A 69 -18.37 -8.79 14.31
C VAL A 69 -18.99 -8.35 15.64
N ALA A 70 -20.13 -7.66 15.57
CA ALA A 70 -20.80 -7.18 16.77
C ALA A 70 -21.24 -8.32 17.66
N GLY A 71 -21.70 -9.41 17.03
CA GLY A 71 -22.14 -10.57 17.79
C GLY A 71 -21.02 -11.20 18.59
N THR A 72 -19.81 -11.17 18.06
CA THR A 72 -18.66 -11.73 18.76
C THR A 72 -18.35 -10.88 19.99
N ILE A 73 -18.56 -9.58 19.85
CA ILE A 73 -18.30 -8.63 20.92
C ILE A 73 -19.40 -8.58 21.97
N ALA A 74 -20.65 -8.64 21.53
CA ALA A 74 -21.75 -8.52 22.49
C ALA A 74 -23.05 -9.27 22.24
N ALA A 75 -23.02 -10.43 21.59
CA ALA A 75 -24.26 -11.18 21.39
C ALA A 75 -24.85 -11.35 22.79
N ILE A 76 -26.13 -11.06 22.95
CA ILE A 76 -26.80 -11.11 24.25
C ILE A 76 -27.07 -12.49 24.86
N ALA A 77 -26.82 -12.59 26.17
CA ALA A 77 -27.08 -13.82 26.91
C ALA A 77 -28.58 -13.88 27.14
N ASN A 78 -29.24 -14.89 26.59
CA ASN A 78 -30.69 -15.01 26.72
C ASN A 78 -31.25 -16.38 26.35
N ASN A 79 -30.48 -17.44 26.55
CA ASN A 79 -30.97 -18.79 26.25
C ASN A 79 -31.35 -19.04 24.77
N GLU A 80 -30.81 -18.23 23.86
CA GLU A 80 -31.08 -18.42 22.44
C GLU A 80 -29.87 -17.89 21.67
N GLY A 81 -29.62 -18.47 20.50
CA GLY A 81 -28.49 -18.02 19.70
C GLY A 81 -27.14 -18.28 20.34
N VAL A 82 -26.34 -17.21 20.47
CA VAL A 82 -25.01 -17.33 21.06
C VAL A 82 -24.77 -16.25 22.11
N VAL A 83 -23.52 -16.09 22.50
CA VAL A 83 -23.12 -15.09 23.48
C VAL A 83 -21.80 -14.48 23.03
N GLY A 84 -21.64 -13.18 23.25
CA GLY A 84 -20.42 -12.49 22.89
C GLY A 84 -19.53 -12.30 24.11
N VAL A 85 -18.41 -11.59 23.94
CA VAL A 85 -17.49 -11.36 25.05
C VAL A 85 -18.15 -10.68 26.24
N MET A 86 -19.03 -9.72 25.96
CA MET A 86 -19.75 -8.98 27.01
C MET A 86 -21.22 -9.10 26.60
N PRO A 87 -21.88 -10.20 27.01
CA PRO A 87 -23.27 -10.53 26.71
C PRO A 87 -24.38 -10.09 27.66
N ASN A 88 -24.04 -9.41 28.75
CA ASN A 88 -25.06 -9.04 29.72
C ASN A 88 -25.65 -7.64 29.65
N GLN A 89 -25.64 -7.04 28.45
CA GLN A 89 -26.24 -5.72 28.26
C GLN A 89 -25.71 -4.64 29.20
N ASN A 90 -24.39 -4.54 29.30
CA ASN A 90 -23.73 -3.55 30.15
C ASN A 90 -22.84 -2.61 29.33
N ALA A 91 -22.00 -3.19 28.49
CA ALA A 91 -21.08 -2.41 27.66
C ALA A 91 -21.80 -1.44 26.73
N ASN A 92 -21.19 -0.28 26.52
CA ASN A 92 -21.76 0.71 25.62
C ASN A 92 -21.13 0.45 24.27
N ILE A 93 -21.97 0.36 23.24
CA ILE A 93 -21.48 0.10 21.91
C ILE A 93 -21.91 1.21 20.97
N HIS A 94 -20.97 1.72 20.18
CA HIS A 94 -21.29 2.77 19.22
C HIS A 94 -21.00 2.20 17.84
N ILE A 95 -21.90 2.46 16.91
CA ILE A 95 -21.76 1.95 15.56
C ILE A 95 -21.53 3.05 14.52
N VAL A 96 -20.52 2.85 13.69
CA VAL A 96 -20.23 3.76 12.60
C VAL A 96 -20.18 2.86 11.37
N LYS A 97 -21.19 3.01 10.52
CA LYS A 97 -21.30 2.20 9.31
C LYS A 97 -20.60 2.83 8.12
N VAL A 98 -19.50 2.22 7.69
CA VAL A 98 -18.74 2.75 6.57
C VAL A 98 -18.92 1.89 5.31
N PHE A 99 -19.51 0.71 5.45
CA PHE A 99 -19.72 -0.18 4.32
C PHE A 99 -21.18 -0.41 3.96
N ASN A 100 -21.46 -0.42 2.67
CA ASN A 100 -22.79 -0.72 2.18
C ASN A 100 -22.59 -2.07 1.49
N GLU A 101 -23.66 -2.64 0.98
CA GLU A 101 -23.55 -3.92 0.28
C GLU A 101 -22.52 -3.81 -0.84
N ALA A 102 -22.57 -2.70 -1.58
CA ALA A 102 -21.66 -2.47 -2.70
C ALA A 102 -20.20 -2.26 -2.30
N GLY A 103 -19.96 -1.85 -1.06
CA GLY A 103 -18.61 -1.61 -0.60
C GLY A 103 -18.52 -0.34 0.24
N TRP A 104 -17.32 0.21 0.37
CA TRP A 104 -17.14 1.43 1.15
C TRP A 104 -18.03 2.54 0.62
N GLY A 105 -18.91 3.07 1.47
CA GLY A 105 -19.81 4.12 1.05
C GLY A 105 -19.80 5.34 1.95
N TYR A 106 -18.93 5.34 2.95
CA TYR A 106 -18.83 6.46 3.88
C TYR A 106 -18.54 7.73 3.11
N SER A 107 -19.19 8.84 3.50
CA SER A 107 -19.00 10.11 2.82
C SER A 107 -17.62 10.70 3.05
N SER A 108 -16.92 10.17 4.05
CA SER A 108 -15.59 10.67 4.36
C SER A 108 -14.55 9.56 4.52
N SER A 109 -13.45 9.87 5.20
CA SER A 109 -12.35 8.94 5.39
C SER A 109 -12.46 8.06 6.63
N LEU A 110 -11.52 7.12 6.75
CA LEU A 110 -11.47 6.24 7.91
C LEU A 110 -11.13 7.13 9.11
N VAL A 111 -10.25 8.09 8.89
CA VAL A 111 -9.86 9.01 9.96
C VAL A 111 -11.11 9.71 10.49
N ALA A 112 -11.99 10.10 9.58
CA ALA A 112 -13.23 10.77 9.96
C ALA A 112 -14.14 9.83 10.76
N ALA A 113 -14.14 8.56 10.38
CA ALA A 113 -14.98 7.57 11.07
C ALA A 113 -14.46 7.39 12.50
N ILE A 114 -13.14 7.34 12.65
CA ILE A 114 -12.55 7.19 13.98
C ILE A 114 -12.86 8.44 14.80
N ASP A 115 -12.79 9.61 14.16
CA ASP A 115 -13.09 10.86 14.85
C ASP A 115 -14.51 10.80 15.39
N THR A 116 -15.44 10.30 14.59
CA THR A 116 -16.84 10.19 14.98
C THR A 116 -16.98 9.23 16.15
N CYS A 117 -16.28 8.10 16.09
CA CYS A 117 -16.30 7.12 17.16
C CYS A 117 -15.96 7.80 18.49
N VAL A 118 -14.89 8.58 18.48
CA VAL A 118 -14.42 9.27 19.66
C VAL A 118 -15.26 10.48 20.08
N ASN A 119 -15.47 11.41 19.16
CA ASN A 119 -16.23 12.62 19.46
C ASN A 119 -17.73 12.44 19.65
N SER A 120 -18.35 11.64 18.78
CA SER A 120 -19.78 11.41 18.87
C SER A 120 -20.13 10.21 19.75
N GLY A 121 -19.29 9.17 19.70
CA GLY A 121 -19.57 7.99 20.49
C GLY A 121 -18.90 7.90 21.85
N GLY A 122 -17.89 8.73 22.08
CA GLY A 122 -17.18 8.69 23.36
C GLY A 122 -16.42 7.39 23.52
N ALA A 123 -16.01 6.82 22.39
CA ALA A 123 -15.29 5.55 22.40
C ALA A 123 -13.95 5.54 23.11
N ASN A 124 -13.72 4.44 23.83
CA ASN A 124 -12.46 4.22 24.54
C ASN A 124 -11.68 3.24 23.68
N VAL A 125 -12.42 2.37 23.00
CA VAL A 125 -11.85 1.34 22.13
C VAL A 125 -12.49 1.45 20.75
N VAL A 126 -11.67 1.41 19.71
CA VAL A 126 -12.18 1.47 18.34
C VAL A 126 -11.69 0.21 17.65
N THR A 127 -12.63 -0.62 17.23
CA THR A 127 -12.29 -1.89 16.59
C THR A 127 -12.59 -1.81 15.09
N MET A 128 -11.61 -2.18 14.29
CA MET A 128 -11.74 -2.10 12.83
C MET A 128 -11.38 -3.39 12.12
N SER A 129 -12.40 -4.17 11.77
CA SER A 129 -12.20 -5.42 11.05
C SER A 129 -12.24 -5.06 9.58
N LEU A 130 -11.21 -4.33 9.16
CA LEU A 130 -11.11 -3.86 7.78
C LEU A 130 -9.65 -3.51 7.52
N GLY A 131 -9.29 -3.38 6.25
CA GLY A 131 -7.91 -3.04 5.94
C GLY A 131 -7.69 -2.71 4.47
N GLY A 132 -6.69 -1.88 4.23
CA GLY A 132 -6.32 -1.47 2.87
C GLY A 132 -4.82 -1.62 2.74
N SER A 133 -4.32 -1.63 1.51
CA SER A 133 -2.88 -1.77 1.28
C SER A 133 -2.09 -0.48 1.41
N GLY A 134 -2.76 0.65 1.17
CA GLY A 134 -2.07 1.93 1.25
C GLY A 134 -1.89 2.50 2.64
N SER A 135 -0.90 3.38 2.78
CA SER A 135 -0.60 4.03 4.06
C SER A 135 -0.20 5.48 3.80
N THR A 136 -0.49 6.37 4.74
CA THR A 136 -0.15 7.79 4.59
C THR A 136 0.32 8.38 5.90
N THR A 137 1.05 9.50 5.81
CA THR A 137 1.55 10.17 7.01
C THR A 137 0.41 10.80 7.79
N THR A 138 -0.51 11.45 7.08
CA THR A 138 -1.64 12.11 7.71
C THR A 138 -2.43 11.11 8.55
N GLU A 139 -2.66 9.93 7.98
CA GLU A 139 -3.41 8.88 8.69
C GLU A 139 -2.60 8.33 9.86
N ARG A 140 -1.33 8.06 9.64
CA ARG A 140 -0.46 7.55 10.70
C ARG A 140 -0.46 8.51 11.89
N ASN A 141 -0.33 9.80 11.60
CA ASN A 141 -0.31 10.84 12.62
C ASN A 141 -1.65 10.98 13.35
N ALA A 142 -2.73 10.96 12.58
CA ALA A 142 -4.07 11.09 13.17
C ALA A 142 -4.38 9.96 14.14
N LEU A 143 -4.04 8.73 13.76
CA LEU A 143 -4.29 7.59 14.63
C LEU A 143 -3.34 7.58 15.81
N ASN A 144 -2.12 8.06 15.62
CA ASN A 144 -1.17 8.09 16.73
C ASN A 144 -1.66 9.10 17.76
N THR A 145 -2.32 10.16 17.29
CA THR A 145 -2.84 11.19 18.18
C THR A 145 -3.97 10.63 19.03
N HIS A 146 -4.87 9.88 18.40
CA HIS A 146 -5.97 9.28 19.14
C HIS A 146 -5.43 8.30 20.16
N TYR A 147 -4.45 7.49 19.76
CA TYR A 147 -3.85 6.52 20.65
C TYR A 147 -3.21 7.19 21.86
N ASN A 148 -2.38 8.20 21.61
CA ASN A 148 -1.73 8.90 22.72
C ASN A 148 -2.74 9.63 23.58
N ASN A 149 -3.89 9.97 22.99
CA ASN A 149 -4.93 10.66 23.74
C ASN A 149 -5.67 9.68 24.65
N GLY A 150 -5.34 8.40 24.52
CA GLY A 150 -5.98 7.39 25.37
C GLY A 150 -6.99 6.46 24.73
N VAL A 151 -7.06 6.45 23.39
CA VAL A 151 -7.99 5.59 22.69
C VAL A 151 -7.28 4.34 22.15
N LEU A 152 -7.77 3.17 22.54
CA LEU A 152 -7.18 1.90 22.10
C LEU A 152 -7.69 1.54 20.70
N LEU A 153 -6.77 1.39 19.76
CA LEU A 153 -7.13 1.06 18.38
C LEU A 153 -6.73 -0.38 18.07
N ILE A 154 -7.67 -1.13 17.49
CA ILE A 154 -7.44 -2.53 17.16
C ILE A 154 -7.97 -2.84 15.77
N ALA A 155 -7.17 -3.53 14.96
CA ALA A 155 -7.58 -3.86 13.59
C ALA A 155 -7.10 -5.23 13.13
N ALA A 156 -7.73 -5.72 12.06
CA ALA A 156 -7.40 -7.03 11.49
C ALA A 156 -6.17 -7.00 10.57
N ALA A 157 -5.34 -8.03 10.68
CA ALA A 157 -4.11 -8.11 9.88
C ALA A 157 -4.36 -8.38 8.39
N GLY A 158 -5.51 -8.97 8.06
CA GLY A 158 -5.81 -9.25 6.66
C GLY A 158 -5.77 -10.74 6.34
N ASN A 159 -6.49 -11.14 5.29
CA ASN A 159 -6.56 -12.55 4.92
C ASN A 159 -5.92 -12.87 3.57
N ALA A 160 -4.93 -12.07 3.16
CA ALA A 160 -4.28 -12.29 1.87
C ALA A 160 -3.30 -13.47 1.83
N GLY A 161 -3.01 -14.04 2.99
CA GLY A 161 -2.10 -15.18 3.04
C GLY A 161 -0.66 -14.89 2.66
N ASP A 162 -0.23 -13.64 2.85
CA ASP A 162 1.14 -13.26 2.54
C ASP A 162 1.69 -12.34 3.63
N SER A 163 2.81 -11.70 3.37
CA SER A 163 3.42 -10.82 4.37
C SER A 163 3.12 -9.35 4.18
N SER A 164 2.13 -9.03 3.34
CA SER A 164 1.80 -7.64 3.10
C SER A 164 1.22 -6.95 4.32
N TYR A 165 1.44 -5.64 4.40
CA TYR A 165 0.92 -4.85 5.50
C TYR A 165 -0.48 -4.36 5.16
N SER A 166 -1.41 -4.59 6.07
CA SER A 166 -2.77 -4.10 5.90
C SER A 166 -2.89 -2.93 6.88
N TYR A 167 -3.48 -1.83 6.44
CA TYR A 167 -3.66 -0.66 7.30
C TYR A 167 -5.16 -0.50 7.55
N PRO A 168 -5.52 0.06 8.72
CA PRO A 168 -4.72 0.56 9.84
C PRO A 168 -3.95 -0.40 10.75
N ALA A 169 -4.19 -1.70 10.64
CA ALA A 169 -3.50 -2.65 11.51
C ALA A 169 -1.98 -2.49 11.59
N SER A 170 -1.35 -2.15 10.47
CA SER A 170 0.10 -2.03 10.45
C SER A 170 0.72 -0.73 10.93
N TYR A 171 -0.09 0.20 11.44
CA TYR A 171 0.44 1.44 12.00
C TYR A 171 0.84 1.07 13.42
N ASP A 172 1.85 1.75 13.98
CA ASP A 172 2.28 1.43 15.35
C ASP A 172 1.26 1.76 16.44
N SER A 173 0.32 2.64 16.13
CA SER A 173 -0.70 3.05 17.09
C SER A 173 -1.87 2.07 17.15
N VAL A 174 -1.82 1.03 16.33
CA VAL A 174 -2.91 0.05 16.25
C VAL A 174 -2.46 -1.38 16.50
N MET A 175 -3.28 -2.16 17.19
CA MET A 175 -2.95 -3.56 17.41
C MET A 175 -3.32 -4.39 16.18
N SER A 176 -2.34 -5.06 15.59
CA SER A 176 -2.60 -5.90 14.41
C SER A 176 -2.98 -7.29 14.92
N VAL A 177 -4.20 -7.73 14.60
CA VAL A 177 -4.71 -9.02 15.06
C VAL A 177 -4.67 -10.15 14.03
N ALA A 178 -4.08 -11.27 14.42
CA ALA A 178 -3.98 -12.45 13.55
C ALA A 178 -5.05 -13.47 13.93
N ALA A 179 -5.29 -14.43 13.03
CA ALA A 179 -6.30 -15.45 13.26
C ALA A 179 -5.72 -16.85 13.46
N VAL A 180 -6.28 -17.58 14.43
CA VAL A 180 -5.88 -18.96 14.71
C VAL A 180 -7.16 -19.77 14.83
N ASP A 181 -7.06 -21.09 14.66
CA ASP A 181 -8.24 -21.95 14.77
C ASP A 181 -8.39 -22.57 16.15
N SER A 182 -9.36 -23.47 16.32
CA SER A 182 -9.62 -24.07 17.63
C SER A 182 -8.52 -24.97 18.19
N ASN A 183 -7.45 -25.17 17.42
CA ASN A 183 -6.32 -25.96 17.91
C ASN A 183 -5.15 -25.00 18.10
N LEU A 184 -5.47 -23.71 17.99
CA LEU A 184 -4.51 -22.62 18.14
C LEU A 184 -3.48 -22.61 17.01
N ASP A 185 -3.84 -23.25 15.90
CA ASP A 185 -2.95 -23.27 14.74
C ASP A 185 -3.17 -21.99 13.94
N HIS A 186 -2.08 -21.46 13.41
CA HIS A 186 -2.14 -20.25 12.60
C HIS A 186 -3.01 -20.46 11.37
N ALA A 187 -3.94 -19.54 11.14
CA ALA A 187 -4.83 -19.63 9.97
C ALA A 187 -4.02 -19.37 8.71
N ALA A 188 -4.10 -20.29 7.75
CA ALA A 188 -3.35 -20.19 6.50
C ALA A 188 -3.50 -18.85 5.79
N PHE A 189 -4.69 -18.25 5.89
CA PHE A 189 -4.96 -16.98 5.23
C PHE A 189 -4.47 -15.76 5.99
N SER A 190 -4.19 -15.92 7.28
CA SER A 190 -3.79 -14.79 8.11
C SER A 190 -2.44 -14.19 7.74
N GLN A 191 -2.45 -12.94 7.28
CA GLN A 191 -1.21 -12.27 6.88
C GLN A 191 -0.22 -12.23 8.04
N TYR A 192 1.05 -12.50 7.73
CA TYR A 192 2.10 -12.51 8.74
C TYR A 192 3.08 -11.36 8.51
N THR A 193 3.20 -10.49 9.52
CA THR A 193 4.09 -9.34 9.42
C THR A 193 4.74 -9.07 10.77
N ASP A 194 5.70 -8.15 10.78
CA ASP A 194 6.36 -7.83 12.04
C ASP A 194 5.48 -6.89 12.86
N GLN A 195 4.29 -6.59 12.34
CA GLN A 195 3.33 -5.74 13.05
C GLN A 195 2.35 -6.63 13.81
N VAL A 196 2.10 -7.83 13.29
CA VAL A 196 1.17 -8.76 13.96
C VAL A 196 1.54 -8.75 15.44
N GLU A 197 0.56 -8.42 16.28
CA GLU A 197 0.78 -8.26 17.70
C GLU A 197 0.15 -9.30 18.62
N ILE A 198 -1.01 -9.81 18.23
CA ILE A 198 -1.71 -10.78 19.06
C ILE A 198 -2.66 -11.59 18.20
N SER A 199 -3.10 -12.74 18.72
CA SER A 199 -4.00 -13.61 17.98
C SER A 199 -5.35 -13.81 18.65
N GLY A 200 -6.36 -14.12 17.83
CA GLY A 200 -7.69 -14.36 18.34
C GLY A 200 -8.36 -15.41 17.48
N PRO A 201 -9.46 -16.01 17.95
CA PRO A 201 -10.19 -17.04 17.21
C PRO A 201 -10.62 -16.48 15.85
N GLY A 202 -10.20 -17.11 14.76
CA GLY A 202 -10.54 -16.61 13.44
C GLY A 202 -10.93 -17.62 12.37
N GLU A 203 -11.09 -18.88 12.75
CA GLU A 203 -11.51 -19.91 11.81
C GLU A 203 -12.77 -20.57 12.36
N ALA A 204 -13.79 -20.67 11.54
CA ALA A 204 -15.06 -21.28 11.94
C ALA A 204 -15.59 -20.59 13.19
N ILE A 205 -15.89 -19.30 13.05
CA ILE A 205 -16.42 -18.50 14.13
C ILE A 205 -17.92 -18.29 13.97
N LEU A 206 -18.70 -18.87 14.89
CA LEU A 206 -20.15 -18.73 14.83
C LEU A 206 -20.56 -17.43 15.50
N SER A 207 -21.45 -16.68 14.84
CA SER A 207 -21.95 -15.43 15.39
C SER A 207 -23.23 -15.00 14.70
N THR A 208 -23.76 -13.87 15.14
CA THR A 208 -24.99 -13.31 14.58
C THR A 208 -24.76 -12.72 13.19
N VAL A 209 -25.78 -12.81 12.33
CA VAL A 209 -25.71 -12.20 11.00
C VAL A 209 -27.09 -11.60 10.76
N THR A 210 -27.20 -10.73 9.76
CA THR A 210 -28.48 -10.10 9.44
C THR A 210 -29.56 -11.18 9.37
N VAL A 211 -30.68 -10.93 10.05
CA VAL A 211 -31.77 -11.89 10.11
C VAL A 211 -32.10 -12.54 8.79
N GLY A 212 -32.07 -13.88 8.77
CA GLY A 212 -32.41 -14.63 7.59
C GLY A 212 -31.30 -14.86 6.57
N GLU A 213 -30.15 -14.25 6.77
CA GLU A 213 -29.06 -14.40 5.81
C GLU A 213 -28.04 -15.47 6.20
N GLY A 214 -28.24 -16.08 7.36
CA GLY A 214 -27.30 -17.08 7.84
C GLY A 214 -27.55 -18.51 7.41
N ARG A 215 -26.73 -19.41 7.94
CA ARG A 215 -26.82 -20.81 7.61
C ARG A 215 -26.23 -21.62 8.76
N LEU A 216 -26.84 -22.75 9.08
CA LEU A 216 -26.37 -23.59 10.16
C LEU A 216 -26.41 -25.05 9.76
N ALA A 217 -25.81 -25.89 10.60
CA ALA A 217 -25.78 -27.32 10.36
C ALA A 217 -25.98 -28.04 11.68
N ASP A 218 -26.29 -29.32 11.61
CA ASP A 218 -26.49 -30.09 12.82
C ASP A 218 -26.31 -31.57 12.54
N ILE A 219 -25.99 -32.31 13.59
CA ILE A 219 -25.81 -33.75 13.52
C ILE A 219 -26.55 -34.28 14.75
N THR A 220 -27.48 -35.20 14.53
CA THR A 220 -28.25 -35.75 15.63
C THR A 220 -28.18 -37.27 15.65
N ILE A 221 -27.99 -37.83 16.84
CA ILE A 221 -27.93 -39.27 17.04
C ILE A 221 -28.56 -39.55 18.41
N GLY A 222 -29.49 -40.49 18.44
CA GLY A 222 -30.14 -40.82 19.70
C GLY A 222 -30.88 -39.63 20.29
N GLY A 223 -31.49 -38.83 19.43
CA GLY A 223 -32.23 -37.67 19.88
C GLY A 223 -31.38 -36.52 20.42
N GLN A 224 -30.06 -36.69 20.42
CA GLN A 224 -29.16 -35.65 20.92
C GLN A 224 -28.43 -34.94 19.80
N SER A 225 -28.08 -33.67 20.02
CA SER A 225 -27.41 -32.86 19.01
C SER A 225 -25.93 -32.54 19.27
N TYR A 226 -25.16 -32.51 18.18
CA TYR A 226 -23.73 -32.21 18.22
C TYR A 226 -23.49 -30.74 17.89
N PHE A 227 -24.55 -29.96 17.81
CA PHE A 227 -24.45 -28.54 17.49
C PHE A 227 -23.41 -27.78 18.30
N SER A 228 -23.45 -27.96 19.62
CA SER A 228 -22.52 -27.27 20.52
C SER A 228 -21.07 -27.69 20.33
N ASN A 229 -20.85 -28.82 19.67
CA ASN A 229 -19.51 -29.31 19.40
C ASN A 229 -18.91 -28.52 18.25
N GLY A 230 -19.80 -27.92 17.46
CA GLY A 230 -19.38 -27.16 16.31
C GLY A 230 -19.55 -27.98 15.05
N VAL A 231 -20.61 -27.68 14.30
CA VAL A 231 -20.89 -28.38 13.06
C VAL A 231 -21.03 -27.31 11.98
N VAL A 232 -20.11 -27.32 11.03
CA VAL A 232 -20.09 -26.33 9.96
C VAL A 232 -20.67 -26.84 8.65
N PRO A 233 -21.69 -26.14 8.11
CA PRO A 233 -22.26 -26.58 6.84
C PRO A 233 -21.22 -26.31 5.75
N HIS A 234 -21.01 -27.27 4.84
CA HIS A 234 -20.02 -27.10 3.80
C HIS A 234 -20.26 -25.88 2.90
N ASN A 235 -19.28 -24.99 2.88
CA ASN A 235 -19.34 -23.78 2.05
C ASN A 235 -19.07 -24.25 0.62
N ARG A 236 -20.11 -24.80 0.00
CA ARG A 236 -20.02 -25.32 -1.36
C ARG A 236 -20.02 -24.27 -2.47
N LEU A 237 -19.07 -24.42 -3.39
CA LEU A 237 -18.93 -23.51 -4.52
C LEU A 237 -18.93 -24.35 -5.80
N THR A 238 -19.66 -23.90 -6.81
CA THR A 238 -19.70 -24.59 -8.11
C THR A 238 -19.43 -23.58 -9.21
N PRO A 239 -18.98 -24.05 -10.38
CA PRO A 239 -18.69 -23.14 -11.48
C PRO A 239 -19.83 -22.20 -11.86
N SER A 240 -19.49 -20.95 -12.16
CA SER A 240 -20.46 -19.94 -12.54
C SER A 240 -19.82 -19.01 -13.56
N GLY A 241 -19.62 -19.51 -14.77
CA GLY A 241 -19.02 -18.71 -15.82
C GLY A 241 -17.52 -18.69 -15.71
N THR A 242 -16.95 -17.50 -15.55
CA THR A 242 -15.50 -17.34 -15.45
C THR A 242 -15.00 -17.55 -14.02
N SER A 243 -15.87 -18.02 -13.13
CA SER A 243 -15.46 -18.24 -11.75
C SER A 243 -16.32 -19.27 -11.02
N TYR A 244 -16.36 -19.16 -9.70
CA TYR A 244 -17.14 -20.06 -8.86
C TYR A 244 -18.12 -19.23 -8.05
N ALA A 245 -19.27 -19.81 -7.74
CA ALA A 245 -20.29 -19.11 -6.97
C ALA A 245 -20.88 -20.05 -5.93
N PRO A 246 -21.35 -19.50 -4.80
CA PRO A 246 -21.91 -20.36 -3.76
C PRO A 246 -23.11 -21.18 -4.24
N ALA A 247 -23.08 -22.47 -3.93
CA ALA A 247 -24.15 -23.39 -4.28
C ALA A 247 -24.40 -24.27 -3.07
N PRO A 248 -24.87 -23.67 -1.96
CA PRO A 248 -25.14 -24.42 -0.74
C PRO A 248 -26.22 -25.49 -0.88
N ILE A 249 -26.00 -26.61 -0.22
CA ILE A 249 -26.97 -27.70 -0.21
C ILE A 249 -27.64 -27.65 1.16
N ASN A 250 -28.89 -27.19 1.18
CA ASN A 250 -29.62 -27.12 2.44
C ASN A 250 -30.72 -28.18 2.42
N ALA A 251 -30.49 -29.25 3.16
CA ALA A 251 -31.43 -30.35 3.26
C ALA A 251 -31.02 -31.23 4.43
N SER A 252 -31.82 -32.26 4.70
CA SER A 252 -31.54 -33.18 5.79
C SER A 252 -31.46 -34.60 5.23
N ALA A 253 -30.65 -35.42 5.88
CA ALA A 253 -30.48 -36.81 5.46
C ALA A 253 -30.35 -37.65 6.72
N THR A 254 -30.96 -38.84 6.69
CA THR A 254 -30.93 -39.74 7.83
C THR A 254 -30.56 -41.14 7.38
N GLY A 255 -29.68 -41.79 8.15
CA GLY A 255 -29.26 -43.13 7.81
C GLY A 255 -28.23 -43.65 8.81
N ALA A 256 -27.90 -44.93 8.71
CA ALA A 256 -26.93 -45.54 9.59
C ALA A 256 -25.57 -44.90 9.34
N LEU A 257 -24.85 -44.59 10.42
CA LEU A 257 -23.55 -43.96 10.31
C LEU A 257 -22.49 -44.99 9.93
N ALA A 258 -21.73 -44.67 8.89
CA ALA A 258 -20.67 -45.56 8.41
C ALA A 258 -19.48 -44.69 8.03
N GLU A 259 -18.27 -45.19 8.28
CA GLU A 259 -17.08 -44.43 7.97
C GLU A 259 -16.27 -44.96 6.80
N CYS A 260 -15.77 -44.04 5.98
CA CYS A 260 -14.94 -44.39 4.85
C CYS A 260 -13.51 -44.32 5.37
N THR A 261 -12.90 -45.48 5.56
CA THR A 261 -11.53 -45.54 6.09
C THR A 261 -10.52 -44.93 5.13
N VAL A 262 -9.56 -44.20 5.67
CA VAL A 262 -8.52 -43.59 4.86
C VAL A 262 -7.22 -44.35 5.04
N ASN A 263 -6.70 -44.90 3.94
CA ASN A 263 -5.46 -45.66 3.97
C ASN A 263 -4.50 -45.00 2.99
N GLY A 264 -3.53 -44.26 3.52
CA GLY A 264 -2.59 -43.57 2.66
C GLY A 264 -3.30 -42.41 2.01
N THR A 265 -3.53 -42.52 0.70
CA THR A 265 -4.23 -41.49 -0.05
C THR A 265 -5.44 -42.11 -0.73
N SER A 266 -5.77 -43.34 -0.34
CA SER A 266 -6.91 -44.05 -0.90
C SER A 266 -8.03 -44.17 0.11
N PHE A 267 -9.26 -44.34 -0.39
CA PHE A 267 -10.43 -44.47 0.48
C PHE A 267 -11.06 -45.84 0.36
N SER A 268 -11.54 -46.35 1.50
CA SER A 268 -12.22 -47.63 1.55
C SER A 268 -13.62 -47.37 2.08
N CYS A 269 -14.48 -46.82 1.22
CA CYS A 269 -15.84 -46.48 1.59
C CYS A 269 -16.80 -47.67 1.54
N GLY A 270 -16.63 -48.52 0.54
CA GLY A 270 -17.52 -49.65 0.39
C GLY A 270 -18.83 -49.11 -0.17
N ASN A 271 -19.95 -49.62 0.31
CA ASN A 271 -21.24 -49.15 -0.19
C ASN A 271 -21.86 -48.23 0.85
N MET A 272 -21.94 -46.94 0.51
CA MET A 272 -22.50 -45.94 1.42
C MET A 272 -23.98 -45.66 1.18
N ALA A 273 -24.57 -46.37 0.24
CA ALA A 273 -25.99 -46.17 -0.08
C ALA A 273 -26.84 -46.21 1.18
N ASN A 274 -27.75 -45.25 1.31
CA ASN A 274 -28.64 -45.16 2.45
C ASN A 274 -27.95 -44.95 3.80
N LYS A 275 -26.74 -44.41 3.78
CA LYS A 275 -26.03 -44.16 5.04
C LYS A 275 -25.41 -42.78 5.14
N ILE A 276 -25.04 -42.40 6.35
CA ILE A 276 -24.38 -41.11 6.61
C ILE A 276 -22.92 -41.52 6.62
N CYS A 277 -22.14 -40.91 5.74
CA CYS A 277 -20.74 -41.24 5.59
C CYS A 277 -19.76 -40.34 6.33
N LEU A 278 -19.09 -40.92 7.31
CA LEU A 278 -18.09 -40.22 8.12
C LEU A 278 -16.75 -40.44 7.44
N VAL A 279 -15.99 -39.37 7.23
CA VAL A 279 -14.71 -39.50 6.56
C VAL A 279 -13.69 -38.48 7.03
N GLU A 280 -12.47 -38.94 7.30
CA GLU A 280 -11.41 -38.06 7.74
C GLU A 280 -10.98 -37.21 6.55
N ARG A 281 -10.71 -35.93 6.81
CA ARG A 281 -10.27 -35.03 5.77
C ARG A 281 -8.87 -35.38 5.26
N VAL A 282 -8.73 -35.44 3.94
CA VAL A 282 -7.45 -35.74 3.32
C VAL A 282 -6.90 -34.44 2.75
N GLY A 283 -5.81 -33.96 3.35
CA GLY A 283 -5.21 -32.72 2.91
C GLY A 283 -5.81 -31.56 3.69
N ASN A 284 -5.39 -30.35 3.37
CA ASN A 284 -5.92 -29.16 4.04
C ASN A 284 -5.88 -27.97 3.13
N GLN A 285 -6.82 -27.04 3.34
CA GLN A 285 -6.89 -25.84 2.54
C GLN A 285 -5.66 -24.97 2.73
N GLY A 286 -5.21 -24.37 1.64
CA GLY A 286 -4.04 -23.52 1.68
C GLY A 286 -3.72 -23.12 0.25
N SER A 287 -2.73 -23.79 -0.33
CA SER A 287 -2.35 -23.53 -1.70
C SER A 287 -3.41 -24.12 -2.63
N SER A 288 -4.23 -25.00 -2.08
CA SER A 288 -5.30 -25.64 -2.84
C SER A 288 -6.54 -25.82 -1.97
N TYR A 289 -7.59 -26.42 -2.54
CA TYR A 289 -8.84 -26.65 -1.83
C TYR A 289 -9.24 -28.12 -2.01
N PRO A 290 -8.66 -29.01 -1.19
CA PRO A 290 -8.89 -30.45 -1.22
C PRO A 290 -10.15 -31.01 -0.53
N GLU A 291 -10.95 -30.15 0.07
CA GLU A 291 -12.16 -30.62 0.76
C GLU A 291 -12.97 -31.60 -0.10
N ILE A 292 -13.05 -31.31 -1.40
CA ILE A 292 -13.82 -32.13 -2.32
C ILE A 292 -13.36 -33.59 -2.43
N ASN A 293 -12.09 -33.85 -2.13
CA ASN A 293 -11.57 -35.21 -2.22
C ASN A 293 -12.24 -36.19 -1.28
N SER A 294 -12.15 -35.95 0.02
CA SER A 294 -12.78 -36.83 1.00
C SER A 294 -14.29 -36.79 0.84
N THR A 295 -14.82 -35.60 0.54
CA THR A 295 -16.25 -35.42 0.36
C THR A 295 -16.79 -36.26 -0.79
N LYS A 296 -16.15 -36.18 -1.96
CA LYS A 296 -16.60 -36.93 -3.12
C LYS A 296 -16.43 -38.44 -2.91
N ALA A 297 -15.41 -38.81 -2.16
CA ALA A 297 -15.17 -40.23 -1.89
C ALA A 297 -16.45 -40.83 -1.32
N CYS A 298 -17.03 -40.11 -0.36
CA CYS A 298 -18.27 -40.54 0.28
C CYS A 298 -19.42 -40.54 -0.72
N LYS A 299 -19.60 -39.42 -1.41
CA LYS A 299 -20.67 -39.26 -2.39
C LYS A 299 -20.64 -40.35 -3.46
N THR A 300 -19.48 -40.55 -4.07
CA THR A 300 -19.32 -41.56 -5.10
C THR A 300 -19.81 -42.91 -4.61
N ALA A 301 -19.59 -43.17 -3.32
CA ALA A 301 -19.99 -44.43 -2.70
C ALA A 301 -21.50 -44.50 -2.50
N GLY A 302 -22.19 -43.40 -2.76
CA GLY A 302 -23.64 -43.38 -2.62
C GLY A 302 -24.19 -42.86 -1.31
N ALA A 303 -23.37 -42.16 -0.53
CA ALA A 303 -23.80 -41.62 0.76
C ALA A 303 -24.95 -40.62 0.62
N LYS A 304 -25.85 -40.63 1.59
CA LYS A 304 -27.00 -39.71 1.60
C LYS A 304 -26.64 -38.44 2.36
N GLY A 305 -25.69 -38.58 3.28
CA GLY A 305 -25.22 -37.45 4.09
C GLY A 305 -23.74 -37.64 4.33
N ILE A 306 -22.98 -36.56 4.43
CA ILE A 306 -21.54 -36.66 4.64
C ILE A 306 -21.02 -35.83 5.81
N ILE A 307 -20.16 -36.42 6.62
CA ILE A 307 -19.55 -35.74 7.76
C ILE A 307 -18.04 -35.85 7.64
N VAL A 308 -17.38 -34.72 7.37
CA VAL A 308 -15.92 -34.69 7.24
C VAL A 308 -15.30 -34.18 8.54
N TYR A 309 -14.36 -34.93 9.10
CA TYR A 309 -13.70 -34.49 10.32
C TYR A 309 -12.23 -34.20 10.07
N SER A 310 -11.70 -33.27 10.86
CA SER A 310 -10.30 -32.84 10.72
C SER A 310 -9.26 -33.95 10.90
N ASN A 311 -8.16 -33.81 10.19
CA ASN A 311 -7.05 -34.75 10.28
C ASN A 311 -6.10 -34.26 11.37
N SER A 312 -5.07 -35.04 11.68
CA SER A 312 -4.12 -34.67 12.73
C SER A 312 -3.29 -33.43 12.41
N ALA A 313 -3.13 -33.12 11.13
CA ALA A 313 -2.35 -31.95 10.71
C ALA A 313 -3.01 -30.66 11.21
N LEU A 314 -4.33 -30.58 11.05
CA LEU A 314 -5.12 -29.41 11.49
C LEU A 314 -6.36 -29.95 12.18
N PRO A 315 -6.22 -30.44 13.42
CA PRO A 315 -7.31 -30.99 14.22
C PRO A 315 -8.43 -30.03 14.62
N GLY A 316 -8.19 -28.73 14.50
CA GLY A 316 -9.19 -27.76 14.87
C GLY A 316 -10.39 -27.74 13.94
N LEU A 317 -11.45 -27.03 14.34
CA LEU A 317 -12.64 -26.94 13.51
C LEU A 317 -12.37 -26.11 12.25
N GLN A 318 -12.55 -26.73 11.09
CA GLN A 318 -12.30 -26.03 9.82
C GLN A 318 -13.59 -25.71 9.08
N ASN A 319 -13.59 -24.58 8.39
CA ASN A 319 -14.72 -24.10 7.59
C ASN A 319 -14.13 -23.79 6.22
N PRO A 320 -13.66 -24.83 5.51
CA PRO A 320 -13.05 -24.68 4.19
C PRO A 320 -14.01 -24.55 3.02
N PHE A 321 -13.49 -24.10 1.89
CA PHE A 321 -14.28 -23.97 0.69
C PHE A 321 -14.41 -25.36 0.07
N LEU A 322 -15.63 -25.72 -0.29
CA LEU A 322 -15.87 -27.01 -0.93
C LEU A 322 -16.00 -26.71 -2.41
N VAL A 323 -14.86 -26.64 -3.10
CA VAL A 323 -14.85 -26.37 -4.52
C VAL A 323 -15.30 -27.63 -5.24
N ASP A 324 -16.52 -27.60 -5.75
CA ASP A 324 -17.14 -28.73 -6.44
C ASP A 324 -17.25 -28.43 -7.94
N ALA A 325 -16.16 -28.68 -8.67
CA ALA A 325 -16.12 -28.43 -10.10
C ALA A 325 -17.22 -29.11 -10.91
N ASN A 326 -17.47 -30.38 -10.62
CA ASN A 326 -18.49 -31.13 -11.34
C ASN A 326 -19.87 -31.06 -10.71
N SER A 327 -19.99 -30.29 -9.63
CA SER A 327 -21.26 -30.15 -8.93
C SER A 327 -21.76 -31.52 -8.51
N ASP A 328 -20.84 -32.36 -8.03
CA ASP A 328 -21.14 -33.72 -7.60
C ASP A 328 -21.80 -33.83 -6.23
N ILE A 329 -21.40 -32.97 -5.30
CA ILE A 329 -21.95 -33.00 -3.96
C ILE A 329 -23.34 -32.39 -3.91
N THR A 330 -24.36 -33.22 -4.14
CA THR A 330 -25.75 -32.77 -4.13
C THR A 330 -26.48 -33.19 -2.87
N VAL A 331 -25.73 -33.70 -1.89
CA VAL A 331 -26.30 -34.11 -0.63
C VAL A 331 -25.75 -33.21 0.48
N PRO A 332 -26.40 -33.19 1.64
CA PRO A 332 -25.90 -32.33 2.73
C PRO A 332 -24.59 -32.87 3.31
N SER A 333 -23.58 -32.02 3.36
CA SER A 333 -22.28 -32.41 3.91
C SER A 333 -21.83 -31.33 4.89
N VAL A 334 -21.14 -31.74 5.95
CA VAL A 334 -20.68 -30.83 6.98
C VAL A 334 -19.25 -31.12 7.42
N SER A 335 -18.70 -30.20 8.21
CA SER A 335 -17.33 -30.30 8.71
C SER A 335 -17.32 -30.21 10.23
N VAL A 336 -16.55 -31.10 10.88
CA VAL A 336 -16.42 -31.10 12.33
C VAL A 336 -14.94 -31.25 12.69
N ASP A 337 -14.57 -30.87 13.91
CA ASP A 337 -13.17 -30.97 14.32
C ASP A 337 -12.78 -32.42 14.57
N ARG A 338 -11.47 -32.68 14.68
CA ARG A 338 -11.01 -34.05 14.88
C ARG A 338 -11.59 -34.79 16.09
N ALA A 339 -11.66 -34.11 17.23
CA ALA A 339 -12.20 -34.74 18.43
C ALA A 339 -13.63 -35.21 18.22
N THR A 340 -14.42 -34.39 17.52
CA THR A 340 -15.81 -34.74 17.24
C THR A 340 -15.90 -35.90 16.26
N GLY A 341 -14.98 -35.95 15.31
CA GLY A 341 -14.98 -37.03 14.34
C GLY A 341 -14.62 -38.35 15.00
N LEU A 342 -13.71 -38.32 15.97
CA LEU A 342 -13.30 -39.52 16.68
C LEU A 342 -14.37 -39.99 17.65
N ALA A 343 -15.18 -39.05 18.14
CA ALA A 343 -16.25 -39.40 19.05
C ALA A 343 -17.37 -40.09 18.26
N LEU A 344 -17.57 -39.60 17.04
CA LEU A 344 -18.59 -40.14 16.14
C LEU A 344 -18.34 -41.58 15.71
N LYS A 345 -17.07 -41.97 15.55
CA LYS A 345 -16.80 -43.34 15.13
C LYS A 345 -17.26 -44.34 16.18
N ALA A 346 -17.48 -43.86 17.39
CA ALA A 346 -17.94 -44.72 18.48
C ALA A 346 -19.43 -45.01 18.28
N LYS A 347 -20.09 -44.17 17.48
CA LYS A 347 -21.52 -44.30 17.23
C LYS A 347 -21.80 -44.92 15.86
N LEU A 348 -20.76 -45.48 15.23
CA LEU A 348 -20.92 -46.09 13.91
C LEU A 348 -22.05 -47.12 13.89
N GLY A 349 -22.86 -47.07 12.84
CA GLY A 349 -23.97 -48.02 12.70
C GLY A 349 -25.30 -47.47 13.19
N GLN A 350 -25.25 -46.43 14.02
CA GLN A 350 -26.46 -45.84 14.55
C GLN A 350 -27.12 -44.87 13.59
N SER A 351 -28.43 -44.74 13.69
CA SER A 351 -29.18 -43.84 12.83
C SER A 351 -28.71 -42.42 13.10
N THR A 352 -28.31 -41.71 12.04
CA THR A 352 -27.81 -40.35 12.17
C THR A 352 -28.46 -39.41 11.19
N THR A 353 -28.75 -38.19 11.65
CA THR A 353 -29.35 -37.19 10.79
C THR A 353 -28.40 -36.02 10.64
N VAL A 354 -28.02 -35.74 9.41
CA VAL A 354 -27.14 -34.63 9.08
C VAL A 354 -27.99 -33.58 8.39
N SER A 355 -27.84 -32.32 8.76
CA SER A 355 -28.64 -31.29 8.14
C SER A 355 -27.96 -29.94 8.01
N ASN A 356 -28.21 -29.30 6.87
CA ASN A 356 -27.70 -27.98 6.57
C ASN A 356 -28.98 -27.16 6.44
N GLN A 357 -29.07 -26.06 7.17
CA GLN A 357 -30.28 -25.24 7.11
C GLN A 357 -29.97 -23.81 6.70
N GLY A 358 -30.71 -23.32 5.72
CA GLY A 358 -30.52 -21.96 5.25
C GLY A 358 -31.46 -20.99 5.94
N ASN A 359 -31.40 -19.72 5.53
CA ASN A 359 -32.24 -18.67 6.09
C ASN A 359 -32.23 -18.61 7.61
N GLN A 360 -31.04 -18.72 8.18
CA GLN A 360 -30.86 -18.67 9.64
C GLN A 360 -30.42 -17.27 10.08
N ASP A 361 -30.28 -17.08 11.38
CA ASP A 361 -29.88 -15.78 11.90
C ASP A 361 -28.46 -15.79 12.48
N TYR A 362 -27.73 -16.88 12.24
CA TYR A 362 -26.36 -17.04 12.71
C TYR A 362 -25.59 -17.75 11.59
N GLU A 363 -24.26 -17.65 11.63
CA GLU A 363 -23.46 -18.29 10.60
C GLU A 363 -21.99 -18.34 10.99
N TYR A 364 -21.28 -19.32 10.44
CA TYR A 364 -19.85 -19.47 10.68
C TYR A 364 -19.08 -18.67 9.63
N TYR A 365 -18.15 -17.84 10.10
CA TYR A 365 -17.29 -17.03 9.23
C TYR A 365 -15.83 -17.31 9.56
N ASN A 366 -14.94 -17.02 8.61
CA ASN A 366 -13.49 -17.18 8.79
C ASN A 366 -12.86 -15.82 8.55
N GLY A 367 -11.80 -15.50 9.28
CA GLY A 367 -11.14 -14.23 9.03
C GLY A 367 -10.45 -13.54 10.19
N THR A 368 -9.43 -12.74 9.86
CA THR A 368 -8.75 -11.99 10.89
C THR A 368 -9.78 -10.98 11.38
N SER A 369 -10.80 -10.73 10.57
CA SER A 369 -11.87 -9.78 10.93
C SER A 369 -12.73 -10.39 12.05
N MET A 370 -12.65 -11.71 12.21
CA MET A 370 -13.41 -12.41 13.24
C MET A 370 -12.57 -12.50 14.51
N ALA A 371 -11.26 -12.56 14.33
CA ALA A 371 -10.35 -12.61 15.48
C ALA A 371 -10.32 -11.25 16.16
N THR A 372 -10.36 -10.20 15.37
CA THR A 372 -10.32 -8.84 15.87
C THR A 372 -11.34 -8.52 16.97
N PRO A 373 -12.63 -8.81 16.73
CA PRO A 373 -13.63 -8.52 17.77
C PRO A 373 -13.40 -9.32 19.06
N HIS A 374 -12.74 -10.47 18.97
CA HIS A 374 -12.46 -11.23 20.18
C HIS A 374 -11.46 -10.40 20.98
N VAL A 375 -10.45 -9.90 20.28
CA VAL A 375 -9.42 -9.08 20.92
C VAL A 375 -9.95 -7.76 21.47
N SER A 376 -10.70 -7.00 20.66
CA SER A 376 -11.23 -5.74 21.14
C SER A 376 -12.31 -5.96 22.20
N GLY A 377 -13.05 -7.05 22.07
CA GLY A 377 -14.08 -7.36 23.05
C GLY A 377 -13.44 -7.62 24.41
N VAL A 378 -12.39 -8.43 24.41
CA VAL A 378 -11.68 -8.76 25.64
C VAL A 378 -10.97 -7.52 26.19
N ALA A 379 -10.45 -6.69 25.30
CA ALA A 379 -9.76 -5.48 25.73
C ALA A 379 -10.71 -4.59 26.50
N THR A 380 -11.92 -4.44 25.98
CA THR A 380 -12.94 -3.62 26.63
C THR A 380 -13.33 -4.22 27.97
N LEU A 381 -13.56 -5.53 27.98
CA LEU A 381 -13.94 -6.25 29.20
C LEU A 381 -12.89 -6.09 30.30
N VAL A 382 -11.64 -6.39 29.96
CA VAL A 382 -10.56 -6.28 30.93
C VAL A 382 -10.41 -4.83 31.39
N TRP A 383 -10.50 -3.89 30.45
CA TRP A 383 -10.36 -2.48 30.78
C TRP A 383 -11.43 -1.99 31.75
N SER A 384 -12.62 -2.58 31.71
CA SER A 384 -13.69 -2.17 32.60
C SER A 384 -13.35 -2.40 34.08
N TYR A 385 -12.46 -3.35 34.34
CA TYR A 385 -12.04 -3.64 35.70
C TYR A 385 -11.06 -2.59 36.22
N HIS A 386 -10.42 -1.88 35.29
CA HIS A 386 -9.44 -0.86 35.63
C HIS A 386 -9.49 0.29 34.63
N PRO A 387 -10.60 1.04 34.61
CA PRO A 387 -10.77 2.16 33.68
C PRO A 387 -9.75 3.28 33.88
N GLU A 388 -9.06 3.28 35.01
CA GLU A 388 -8.07 4.30 35.31
C GLU A 388 -6.85 4.16 34.42
N CYS A 389 -6.53 2.93 34.04
CA CYS A 389 -5.36 2.68 33.20
C CYS A 389 -5.55 3.23 31.79
N SER A 390 -4.43 3.59 31.15
CA SER A 390 -4.47 4.15 29.80
C SER A 390 -4.54 3.06 28.74
N ALA A 391 -4.89 3.46 27.52
CA ALA A 391 -4.98 2.52 26.40
C ALA A 391 -3.65 1.80 26.17
N SER A 392 -2.55 2.55 26.22
CA SER A 392 -1.23 1.97 26.01
C SER A 392 -0.92 0.94 27.09
N GLN A 393 -1.41 1.18 28.30
CA GLN A 393 -1.18 0.27 29.40
C GLN A 393 -2.00 -1.02 29.22
N VAL A 394 -3.23 -0.87 28.77
CA VAL A 394 -4.09 -2.03 28.52
C VAL A 394 -3.48 -2.85 27.40
N ARG A 395 -3.04 -2.18 26.35
CA ARG A 395 -2.42 -2.85 25.21
C ARG A 395 -1.21 -3.66 25.68
N ALA A 396 -0.39 -3.06 26.54
CA ALA A 396 0.78 -3.74 27.06
C ALA A 396 0.39 -4.98 27.87
N ALA A 397 -0.66 -4.84 28.68
CA ALA A 397 -1.14 -5.94 29.51
C ALA A 397 -1.56 -7.13 28.65
N LEU A 398 -2.32 -6.88 27.60
CA LEU A 398 -2.78 -7.95 26.71
C LEU A 398 -1.60 -8.69 26.09
N ASN A 399 -0.59 -7.94 25.67
CA ASN A 399 0.59 -8.51 25.06
C ASN A 399 1.42 -9.30 26.06
N ALA A 400 1.59 -8.73 27.25
CA ALA A 400 2.38 -9.37 28.29
C ALA A 400 1.76 -10.64 28.83
N THR A 401 0.44 -10.78 28.70
CA THR A 401 -0.25 -11.96 29.22
C THR A 401 -0.79 -12.91 28.17
N ALA A 402 -0.54 -12.63 26.90
CA ALA A 402 -1.02 -13.50 25.83
C ALA A 402 -0.28 -14.84 25.93
N ASP A 403 -0.93 -15.91 25.51
CA ASP A 403 -0.31 -17.23 25.55
C ASP A 403 0.50 -17.46 24.30
N ASP A 404 1.82 -17.54 24.48
CA ASP A 404 2.76 -17.74 23.38
C ASP A 404 2.38 -18.95 22.53
N LEU A 405 2.26 -18.73 21.21
CA LEU A 405 1.91 -19.78 20.27
C LEU A 405 3.05 -20.02 19.28
N SER A 406 2.94 -21.09 18.50
CA SER A 406 3.95 -21.41 17.50
C SER A 406 5.34 -21.39 18.11
N VAL A 407 6.32 -20.88 17.37
CA VAL A 407 7.70 -20.82 17.86
C VAL A 407 7.79 -19.91 19.09
N ALA A 408 8.71 -20.23 19.99
CA ALA A 408 8.90 -19.45 21.20
C ALA A 408 9.14 -17.98 20.90
N GLY A 409 8.50 -17.12 21.68
CA GLY A 409 8.66 -15.69 21.50
C GLY A 409 7.71 -15.10 20.47
N ARG A 410 7.74 -13.79 20.31
CA ARG A 410 6.88 -13.14 19.33
C ARG A 410 7.26 -13.58 17.92
N ASP A 411 6.26 -13.89 17.10
CA ASP A 411 6.50 -14.29 15.72
C ASP A 411 5.51 -13.56 14.81
N ASN A 412 5.82 -13.52 13.51
CA ASN A 412 4.99 -12.82 12.55
C ASN A 412 3.62 -13.44 12.30
N GLN A 413 3.49 -14.73 12.61
CA GLN A 413 2.22 -15.42 12.38
C GLN A 413 1.20 -15.17 13.48
N THR A 414 1.61 -15.30 14.74
CA THR A 414 0.70 -15.14 15.87
C THR A 414 1.01 -14.00 16.83
N GLY A 415 2.04 -13.21 16.55
CA GLY A 415 2.38 -12.12 17.43
C GLY A 415 2.78 -12.68 18.80
N TYR A 416 2.32 -12.05 19.87
CA TYR A 416 2.65 -12.54 21.21
C TYR A 416 1.88 -13.79 21.59
N GLY A 417 0.87 -14.13 20.80
CA GLY A 417 0.09 -15.32 21.08
C GLY A 417 -1.40 -15.11 21.24
N MET A 418 -2.07 -16.11 21.78
CA MET A 418 -3.51 -16.06 22.01
C MET A 418 -3.88 -15.16 23.16
N ILE A 419 -4.76 -14.20 22.92
CA ILE A 419 -5.19 -13.27 23.95
C ILE A 419 -5.76 -14.06 25.13
N ASN A 420 -5.50 -13.59 26.35
CA ASN A 420 -5.95 -14.25 27.56
C ASN A 420 -6.57 -13.22 28.48
N ALA A 421 -7.90 -13.20 28.52
CA ALA A 421 -8.64 -12.26 29.34
C ALA A 421 -8.33 -12.36 30.83
N VAL A 422 -8.40 -13.59 31.36
CA VAL A 422 -8.13 -13.80 32.78
C VAL A 422 -6.75 -13.32 33.20
N ALA A 423 -5.73 -13.74 32.45
CA ALA A 423 -4.36 -13.34 32.75
C ALA A 423 -4.18 -11.82 32.64
N ALA A 424 -4.77 -11.23 31.60
CA ALA A 424 -4.67 -9.79 31.40
C ALA A 424 -5.26 -9.05 32.60
N LYS A 425 -6.43 -9.49 33.04
CA LYS A 425 -7.10 -8.87 34.17
C LYS A 425 -6.23 -8.98 35.43
N ALA A 426 -5.69 -10.18 35.66
CA ALA A 426 -4.82 -10.40 36.82
C ALA A 426 -3.63 -9.45 36.79
N TYR A 427 -3.11 -9.21 35.59
CA TYR A 427 -1.98 -8.32 35.37
C TYR A 427 -2.30 -6.92 35.90
N LEU A 428 -3.39 -6.35 35.40
CA LEU A 428 -3.82 -5.02 35.79
C LEU A 428 -4.27 -4.95 37.24
N ASP A 429 -4.62 -6.11 37.82
CA ASP A 429 -5.04 -6.16 39.22
C ASP A 429 -3.89 -5.74 40.12
N GLU A 430 -2.65 -6.01 39.67
CA GLU A 430 -1.47 -5.64 40.44
C GLU A 430 -1.25 -4.13 40.33
N SER A 431 -1.38 -3.62 39.10
CA SER A 431 -1.23 -2.19 38.83
C SER A 431 -1.39 -1.99 37.32
N CYS A 432 -1.46 -0.74 36.89
CA CYS A 432 -1.63 -0.45 35.47
C CYS A 432 -0.42 -0.89 34.64
N THR A 433 0.68 -1.21 35.32
CA THR A 433 1.90 -1.67 34.64
C THR A 433 2.21 -3.10 35.03
N GLY A 434 1.23 -3.77 35.65
CA GLY A 434 1.42 -5.15 36.06
C GLY A 434 2.24 -5.30 37.32
N PRO A 435 2.67 -6.53 37.65
CA PRO A 435 3.47 -6.78 38.86
C PRO A 435 4.83 -6.08 38.83
N ALA B 1 28.89 21.41 -29.09
CA ALA B 1 28.29 22.18 -27.96
C ALA B 1 27.65 21.22 -26.96
N GLU B 2 28.00 21.38 -25.69
CA GLU B 2 27.48 20.51 -24.64
C GLU B 2 26.82 21.36 -23.56
N THR B 3 25.65 20.92 -23.09
CA THR B 3 24.90 21.64 -22.08
C THR B 3 24.99 20.96 -20.71
N THR B 4 25.15 21.78 -19.67
CA THR B 4 25.21 21.27 -18.30
C THR B 4 23.88 21.64 -17.65
N PRO B 5 22.95 20.67 -17.52
CA PRO B 5 21.66 20.98 -16.89
C PRO B 5 21.84 21.58 -15.48
N TRP B 6 20.94 22.48 -15.10
CA TRP B 6 21.03 23.16 -13.81
C TRP B 6 21.24 22.25 -12.60
N GLY B 7 20.57 21.10 -12.61
CA GLY B 7 20.70 20.18 -11.48
C GLY B 7 22.12 19.73 -11.20
N GLN B 8 22.90 19.55 -12.26
CA GLN B 8 24.30 19.11 -12.10
C GLN B 8 25.09 20.17 -11.35
N THR B 9 24.88 21.43 -11.72
CA THR B 9 25.57 22.53 -11.06
C THR B 9 25.10 22.68 -9.62
N PHE B 10 23.79 22.63 -9.41
CA PHE B 10 23.22 22.80 -8.08
C PHE B 10 23.64 21.77 -7.02
N VAL B 11 23.83 20.52 -7.41
CA VAL B 11 24.20 19.51 -6.41
C VAL B 11 25.70 19.43 -6.18
N GLY B 12 26.46 20.22 -6.93
CA GLY B 12 27.91 20.22 -6.77
C GLY B 12 28.68 19.23 -7.63
N ALA B 13 27.98 18.55 -8.52
CA ALA B 13 28.64 17.57 -9.40
C ALA B 13 29.65 18.18 -10.37
N THR B 14 29.49 19.46 -10.67
CA THR B 14 30.39 20.12 -11.62
C THR B 14 31.68 20.63 -10.99
N VAL B 15 31.79 20.51 -9.66
CA VAL B 15 33.00 20.96 -8.98
C VAL B 15 33.72 19.84 -8.22
N LEU B 16 33.11 18.66 -8.19
CA LEU B 16 33.71 17.52 -7.50
C LEU B 16 34.02 16.43 -8.54
N SER B 17 35.31 16.18 -8.78
CA SER B 17 35.77 15.19 -9.75
C SER B 17 35.37 13.74 -9.52
N ASP B 18 35.04 13.03 -10.60
CA ASP B 18 34.65 11.64 -10.55
C ASP B 18 35.83 10.71 -10.90
N SER B 19 37.05 11.23 -10.81
CA SER B 19 38.24 10.46 -11.13
C SER B 19 38.38 9.14 -10.37
N GLN B 20 37.77 9.05 -9.19
CA GLN B 20 37.86 7.84 -8.37
C GLN B 20 36.63 6.94 -8.48
N ALA B 21 35.60 7.41 -9.19
CA ALA B 21 34.34 6.68 -9.30
C ALA B 21 34.44 5.23 -9.77
N GLY B 22 35.59 4.85 -10.32
CA GLY B 22 35.75 3.48 -10.78
C GLY B 22 35.72 2.47 -9.64
N ASN B 23 35.90 2.93 -8.41
CA ASN B 23 35.88 2.01 -7.28
C ASN B 23 34.49 1.80 -6.71
N ARG B 24 33.49 2.39 -7.37
CA ARG B 24 32.09 2.29 -6.95
C ARG B 24 31.24 1.71 -8.08
N THR B 25 30.13 1.09 -7.73
CA THR B 25 29.19 0.56 -8.72
C THR B 25 27.78 0.96 -8.35
N ILE B 26 27.08 1.60 -9.28
CA ILE B 26 25.70 2.00 -9.05
C ILE B 26 24.80 1.22 -10.00
N CYS B 27 23.74 0.64 -9.45
CA CYS B 27 22.80 -0.15 -10.24
C CYS B 27 21.50 0.59 -10.39
N ILE B 28 21.05 0.72 -11.64
CA ILE B 28 19.81 1.42 -11.95
C ILE B 28 18.72 0.43 -12.29
N ILE B 29 17.72 0.34 -11.42
CA ILE B 29 16.58 -0.54 -11.62
C ILE B 29 15.54 0.36 -12.28
N ASP B 30 15.32 0.18 -13.58
CA ASP B 30 14.41 1.04 -14.30
C ASP B 30 13.97 0.41 -15.63
N SER B 31 13.70 1.25 -16.63
CA SER B 31 13.23 0.73 -17.92
C SER B 31 14.29 0.46 -18.98
N GLY B 32 15.53 0.23 -18.57
CA GLY B 32 16.54 -0.05 -19.55
C GLY B 32 17.47 1.13 -19.77
N TYR B 33 18.46 0.91 -20.63
CA TYR B 33 19.49 1.89 -20.91
C TYR B 33 19.78 1.85 -22.42
N ASP B 34 19.49 2.94 -23.13
CA ASP B 34 19.76 2.96 -24.56
C ASP B 34 21.27 3.12 -24.79
N ARG B 35 21.95 1.99 -24.88
CA ARG B 35 23.39 1.98 -25.06
C ARG B 35 23.88 2.55 -26.40
N SER B 36 22.96 2.76 -27.34
CA SER B 36 23.34 3.30 -28.64
C SER B 36 23.46 4.82 -28.60
N HIS B 37 22.98 5.42 -27.50
CA HIS B 37 23.03 6.88 -27.35
C HIS B 37 24.48 7.35 -27.21
N ASN B 38 24.84 8.39 -27.96
CA ASN B 38 26.20 8.91 -27.91
C ASN B 38 26.68 9.35 -26.53
N ASP B 39 25.75 9.73 -25.66
CA ASP B 39 26.11 10.16 -24.31
C ASP B 39 26.15 9.00 -23.31
N LEU B 40 25.84 7.80 -23.77
CA LEU B 40 25.80 6.64 -22.87
C LEU B 40 26.56 5.41 -23.35
N ASN B 41 26.82 5.34 -24.65
CA ASN B 41 27.51 4.21 -25.25
C ASN B 41 28.85 3.81 -24.64
N ALA B 42 29.70 4.80 -24.37
CA ALA B 42 31.04 4.53 -23.84
C ALA B 42 31.22 4.47 -22.32
N ASN B 43 30.14 4.31 -21.57
CA ASN B 43 30.27 4.20 -20.12
C ASN B 43 30.71 2.78 -19.75
N ASN B 44 31.21 2.62 -18.52
CA ASN B 44 31.59 1.29 -18.04
C ASN B 44 30.27 0.73 -17.56
N VAL B 45 29.45 0.30 -18.50
CA VAL B 45 28.13 -0.19 -18.17
C VAL B 45 27.90 -1.65 -18.53
N THR B 46 27.21 -2.35 -17.63
CA THR B 46 26.87 -3.75 -17.80
C THR B 46 25.43 -3.92 -17.34
N GLY B 47 24.88 -5.10 -17.54
CA GLY B 47 23.50 -5.33 -17.12
C GLY B 47 23.19 -6.80 -17.03
N THR B 48 22.08 -7.12 -16.40
CA THR B 48 21.65 -8.52 -16.26
C THR B 48 20.24 -8.63 -16.84
N ASN B 49 20.13 -9.34 -17.97
CA ASN B 49 18.84 -9.50 -18.61
C ASN B 49 17.85 -10.30 -17.79
N ASN B 50 16.57 -10.09 -18.09
CA ASN B 50 15.47 -10.79 -17.43
C ASN B 50 14.53 -11.24 -18.55
N SER B 51 14.06 -12.49 -18.45
CA SER B 51 13.18 -13.07 -19.47
C SER B 51 11.94 -12.25 -19.82
N GLY B 52 11.49 -11.39 -18.90
CA GLY B 52 10.32 -10.61 -19.19
C GLY B 52 10.54 -9.25 -19.84
N THR B 53 11.79 -8.80 -19.92
CA THR B 53 12.06 -7.49 -20.48
C THR B 53 13.12 -7.37 -21.57
N GLY B 54 13.33 -8.44 -22.33
CA GLY B 54 14.31 -8.40 -23.41
C GLY B 54 15.72 -8.03 -23.01
N ASN B 55 16.38 -7.20 -23.83
CA ASN B 55 17.73 -6.77 -23.55
C ASN B 55 17.75 -5.48 -22.73
N TRP B 56 18.55 -5.46 -21.67
CA TRP B 56 18.65 -4.28 -20.81
C TRP B 56 19.16 -3.06 -21.56
N TYR B 57 19.94 -3.30 -22.61
CA TYR B 57 20.53 -2.21 -23.39
C TYR B 57 19.66 -1.73 -24.56
N GLN B 58 18.44 -2.26 -24.64
CA GLN B 58 17.49 -1.91 -25.70
C GLN B 58 16.14 -1.63 -25.04
N PRO B 59 15.91 -0.38 -24.63
CA PRO B 59 14.64 -0.04 -23.98
C PRO B 59 13.37 -0.33 -24.77
N GLY B 60 13.49 -0.34 -26.11
CA GLY B 60 12.32 -0.57 -26.94
C GLY B 60 11.68 0.77 -27.27
N ASN B 61 10.39 0.76 -27.59
CA ASN B 61 9.69 2.00 -27.95
C ASN B 61 8.94 2.62 -26.79
N ASN B 62 8.98 3.96 -26.72
CA ASN B 62 8.27 4.70 -25.68
C ASN B 62 8.53 4.13 -24.30
N ASN B 63 9.81 3.90 -23.99
CA ASN B 63 10.20 3.32 -22.71
C ASN B 63 11.56 3.91 -22.34
N ALA B 64 11.66 5.23 -22.46
CA ALA B 64 12.91 5.97 -22.21
C ALA B 64 13.22 6.42 -20.78
N HIS B 65 12.31 6.16 -19.84
CA HIS B 65 12.50 6.59 -18.46
C HIS B 65 13.86 6.21 -17.87
N GLY B 66 14.27 4.96 -18.04
CA GLY B 66 15.54 4.53 -17.51
C GLY B 66 16.73 5.20 -18.16
N THR B 67 16.58 5.60 -19.41
CA THR B 67 17.67 6.26 -20.12
C THR B 67 17.82 7.69 -19.62
N HIS B 68 16.70 8.32 -19.27
CA HIS B 68 16.72 9.69 -18.76
C HIS B 68 17.40 9.65 -17.39
N VAL B 69 16.99 8.70 -16.57
CA VAL B 69 17.59 8.52 -15.25
C VAL B 69 19.09 8.26 -15.37
N ALA B 70 19.47 7.36 -16.26
CA ALA B 70 20.88 7.03 -16.46
C ALA B 70 21.69 8.25 -16.92
N GLY B 71 21.10 9.07 -17.79
CA GLY B 71 21.79 10.26 -18.27
C GLY B 71 22.09 11.25 -17.15
N THR B 72 21.20 11.33 -16.18
CA THR B 72 21.40 12.26 -15.06
C THR B 72 22.57 11.78 -14.22
N ILE B 73 22.72 10.46 -14.14
CA ILE B 73 23.79 9.88 -13.35
C ILE B 73 25.13 9.91 -14.06
N ALA B 74 25.13 9.60 -15.36
CA ALA B 74 26.39 9.53 -16.07
C ALA B 74 26.45 9.90 -17.56
N ALA B 75 25.68 10.89 -18.01
CA ALA B 75 25.79 11.29 -19.41
C ALA B 75 27.26 11.69 -19.58
N ILE B 76 27.87 11.24 -20.66
CA ILE B 76 29.29 11.49 -20.89
C ILE B 76 29.72 12.87 -21.40
N ALA B 77 30.81 13.36 -20.84
CA ALA B 77 31.36 14.65 -21.25
C ALA B 77 32.07 14.36 -22.57
N ASN B 78 31.52 14.86 -23.66
CA ASN B 78 32.08 14.61 -24.99
C ASN B 78 31.76 15.71 -26.00
N ASN B 79 31.59 16.93 -25.50
CA ASN B 79 31.30 18.07 -26.36
C ASN B 79 29.98 18.02 -27.13
N GLU B 80 29.03 17.22 -26.65
CA GLU B 80 27.71 17.16 -27.28
C GLU B 80 26.68 16.67 -26.28
N GLY B 81 25.42 16.99 -26.55
CA GLY B 81 24.35 16.58 -25.64
C GLY B 81 24.49 17.21 -24.27
N VAL B 82 24.51 16.37 -23.23
CA VAL B 82 24.62 16.85 -21.87
C VAL B 82 25.71 16.13 -21.08
N VAL B 83 25.72 16.34 -19.77
CA VAL B 83 26.67 15.68 -18.87
C VAL B 83 25.90 15.28 -17.61
N GLY B 84 26.32 14.18 -17.00
CA GLY B 84 25.69 13.70 -15.79
C GLY B 84 26.55 13.96 -14.57
N VAL B 85 26.13 13.42 -13.43
CA VAL B 85 26.87 13.61 -12.18
C VAL B 85 28.32 13.17 -12.28
N MET B 86 28.53 12.01 -12.92
CA MET B 86 29.86 11.42 -13.12
C MET B 86 29.94 11.23 -14.64
N PRO B 87 30.41 12.26 -15.36
CA PRO B 87 30.54 12.29 -16.82
C PRO B 87 31.85 11.88 -17.47
N ASN B 88 32.84 11.45 -16.72
CA ASN B 88 34.12 11.12 -17.33
C ASN B 88 34.46 9.65 -17.58
N GLN B 89 33.42 8.82 -17.70
CA GLN B 89 33.58 7.40 -18.00
C GLN B 89 34.41 6.62 -16.99
N ASN B 90 34.19 6.90 -15.70
CA ASN B 90 34.90 6.21 -14.63
C ASN B 90 33.97 5.30 -13.81
N ALA B 91 32.79 5.83 -13.47
CA ALA B 91 31.83 5.06 -12.68
C ALA B 91 31.38 3.78 -13.35
N ASN B 92 31.18 2.74 -12.55
CA ASN B 92 30.70 1.46 -13.06
C ASN B 92 29.20 1.49 -12.89
N ILE B 93 28.47 1.22 -13.96
CA ILE B 93 27.01 1.23 -13.93
C ILE B 93 26.45 -0.14 -14.30
N HIS B 94 25.47 -0.61 -13.52
CA HIS B 94 24.84 -1.89 -13.82
C HIS B 94 23.36 -1.62 -14.03
N ILE B 95 22.81 -2.21 -15.08
CA ILE B 95 21.41 -2.01 -15.42
C ILE B 95 20.52 -3.23 -15.21
N VAL B 96 19.38 -3.03 -14.57
CA VAL B 96 18.40 -4.10 -14.38
C VAL B 96 17.10 -3.50 -14.90
N LYS B 97 16.63 -4.03 -16.02
CA LYS B 97 15.41 -3.53 -16.65
C LYS B 97 14.16 -4.24 -16.16
N VAL B 98 13.35 -3.52 -15.38
CA VAL B 98 12.12 -4.10 -14.85
C VAL B 98 10.88 -3.62 -15.60
N PHE B 99 11.04 -2.56 -16.39
CA PHE B 99 9.91 -2.01 -17.15
C PHE B 99 10.00 -2.17 -18.65
N ASN B 100 8.84 -2.42 -19.26
CA ASN B 100 8.70 -2.52 -20.71
C ASN B 100 7.78 -1.34 -21.03
N GLU B 101 7.57 -1.08 -22.30
CA GLU B 101 6.69 0.00 -22.73
C GLU B 101 5.33 -0.15 -22.04
N ALA B 102 4.85 -1.38 -21.93
CA ALA B 102 3.56 -1.66 -21.31
C ALA B 102 3.51 -1.49 -19.80
N GLY B 103 4.67 -1.47 -19.16
CA GLY B 103 4.73 -1.32 -17.72
C GLY B 103 5.65 -2.35 -17.10
N TRP B 104 5.47 -2.67 -15.82
CA TRP B 104 6.31 -3.65 -15.15
C TRP B 104 6.24 -4.98 -15.90
N GLY B 105 7.39 -5.45 -16.38
CA GLY B 105 7.43 -6.71 -17.11
C GLY B 105 8.44 -7.70 -16.56
N TYR B 106 9.12 -7.31 -15.49
CA TYR B 106 10.12 -8.17 -14.86
C TYR B 106 9.45 -9.49 -14.44
N SER B 107 10.11 -10.61 -14.68
CA SER B 107 9.53 -11.91 -14.35
C SER B 107 9.46 -12.12 -12.84
N SER B 108 10.27 -11.37 -12.09
CA SER B 108 10.30 -11.51 -10.65
C SER B 108 9.92 -10.22 -9.92
N SER B 109 10.20 -10.20 -8.62
CA SER B 109 9.88 -9.07 -7.75
C SER B 109 10.95 -7.99 -7.74
N LEU B 110 10.66 -6.90 -7.04
CA LEU B 110 11.60 -5.80 -6.91
C LEU B 110 12.80 -6.27 -6.09
N VAL B 111 12.53 -7.07 -5.06
CA VAL B 111 13.61 -7.59 -4.23
C VAL B 111 14.54 -8.41 -5.10
N ALA B 112 13.97 -9.20 -6.00
CA ALA B 112 14.77 -10.02 -6.90
C ALA B 112 15.66 -9.12 -7.75
N ALA B 113 15.10 -8.00 -8.19
CA ALA B 113 15.86 -7.04 -8.99
C ALA B 113 17.00 -6.45 -8.17
N ILE B 114 16.74 -6.15 -6.90
CA ILE B 114 17.79 -5.60 -6.04
C ILE B 114 18.83 -6.69 -5.79
N ASP B 115 18.39 -7.92 -5.59
CA ASP B 115 19.31 -9.04 -5.38
C ASP B 115 20.25 -9.17 -6.58
N THR B 116 19.70 -9.00 -7.78
CA THR B 116 20.50 -9.09 -8.99
C THR B 116 21.54 -7.97 -9.04
N CYS B 117 21.11 -6.76 -8.68
CA CYS B 117 22.01 -5.62 -8.66
C CYS B 117 23.24 -5.94 -7.81
N VAL B 118 22.99 -6.50 -6.63
CA VAL B 118 24.05 -6.84 -5.68
C VAL B 118 24.88 -8.06 -6.08
N ASN B 119 24.20 -9.18 -6.34
CA ASN B 119 24.88 -10.42 -6.69
C ASN B 119 25.50 -10.46 -8.08
N SER B 120 24.76 -9.99 -9.09
CA SER B 120 25.30 -10.00 -10.45
C SER B 120 26.04 -8.73 -10.81
N GLY B 121 25.62 -7.60 -10.26
CA GLY B 121 26.26 -6.34 -10.57
C GLY B 121 27.33 -5.85 -9.61
N GLY B 122 27.35 -6.40 -8.40
CA GLY B 122 28.33 -5.96 -7.41
C GLY B 122 28.05 -4.53 -6.98
N ALA B 123 26.77 -4.17 -7.00
CA ALA B 123 26.33 -2.82 -6.65
C ALA B 123 26.60 -2.37 -5.22
N ASN B 124 27.06 -1.12 -5.09
CA ASN B 124 27.32 -0.51 -3.79
C ASN B 124 26.10 0.38 -3.53
N VAL B 125 25.57 0.95 -4.61
CA VAL B 125 24.41 1.83 -4.56
C VAL B 125 23.34 1.28 -5.51
N VAL B 126 22.10 1.23 -5.04
CA VAL B 126 20.99 0.78 -5.87
C VAL B 126 20.01 1.94 -5.92
N THR B 127 19.75 2.45 -7.12
CA THR B 127 18.86 3.58 -7.28
C THR B 127 17.56 3.13 -7.95
N MET B 128 16.44 3.51 -7.34
CA MET B 128 15.14 3.10 -7.81
C MET B 128 14.16 4.27 -7.99
N SER B 129 14.05 4.76 -9.21
CA SER B 129 13.13 5.85 -9.52
C SER B 129 11.80 5.20 -9.85
N LEU B 130 11.20 4.59 -8.83
CA LEU B 130 9.93 3.90 -8.97
C LEU B 130 9.30 3.78 -7.59
N GLY B 131 8.02 3.48 -7.57
CA GLY B 131 7.33 3.33 -6.29
C GLY B 131 5.95 2.75 -6.43
N GLY B 132 5.49 2.13 -5.35
CA GLY B 132 4.17 1.54 -5.31
C GLY B 132 3.55 1.90 -3.97
N SER B 133 2.23 1.74 -3.87
CA SER B 133 1.55 2.07 -2.62
C SER B 133 1.62 0.95 -1.58
N GLY B 134 1.83 -0.27 -2.05
CA GLY B 134 1.89 -1.40 -1.13
C GLY B 134 3.21 -1.63 -0.43
N SER B 135 3.15 -2.26 0.73
CA SER B 135 4.33 -2.57 1.52
C SER B 135 4.18 -3.98 2.11
N THR B 136 5.30 -4.66 2.32
CA THR B 136 5.25 -6.01 2.88
C THR B 136 6.43 -6.21 3.82
N THR B 137 6.31 -7.20 4.71
CA THR B 137 7.38 -7.51 5.66
C THR B 137 8.53 -8.18 4.94
N THR B 138 8.24 -8.98 3.93
CA THR B 138 9.32 -9.65 3.19
C THR B 138 10.20 -8.59 2.55
N GLU B 139 9.58 -7.54 2.00
CA GLU B 139 10.34 -6.46 1.39
C GLU B 139 11.12 -5.66 2.43
N ARG B 140 10.44 -5.26 3.50
CA ARG B 140 11.10 -4.50 4.55
C ARG B 140 12.32 -5.25 5.07
N ASN B 141 12.14 -6.54 5.33
CA ASN B 141 13.25 -7.37 5.83
C ASN B 141 14.41 -7.50 4.83
N ALA B 142 14.08 -7.80 3.58
CA ALA B 142 15.11 -7.97 2.56
C ALA B 142 15.94 -6.70 2.33
N LEU B 143 15.28 -5.55 2.28
CA LEU B 143 16.00 -4.31 2.05
C LEU B 143 16.80 -3.89 3.28
N ASN B 144 16.27 -4.15 4.46
CA ASN B 144 16.99 -3.80 5.68
C ASN B 144 18.29 -4.62 5.70
N THR B 145 18.20 -5.87 5.28
CA THR B 145 19.37 -6.74 5.25
C THR B 145 20.41 -6.24 4.25
N HIS B 146 19.97 -5.81 3.06
CA HIS B 146 20.91 -5.29 2.07
C HIS B 146 21.57 -4.03 2.60
N TYR B 147 20.78 -3.18 3.24
CA TYR B 147 21.29 -1.93 3.80
C TYR B 147 22.35 -2.21 4.87
N ASN B 148 22.04 -3.11 5.78
CA ASN B 148 23.01 -3.43 6.82
C ASN B 148 24.20 -4.18 6.24
N ASN B 149 24.00 -4.81 5.07
CA ASN B 149 25.10 -5.53 4.42
C ASN B 149 25.99 -4.55 3.66
N GLY B 150 25.70 -3.26 3.79
CA GLY B 150 26.51 -2.25 3.13
C GLY B 150 26.05 -1.70 1.79
N VAL B 151 24.81 -1.95 1.42
CA VAL B 151 24.29 -1.44 0.14
C VAL B 151 23.43 -0.21 0.39
N LEU B 152 23.74 0.90 -0.28
CA LEU B 152 22.96 2.12 -0.12
C LEU B 152 21.77 2.06 -1.08
N LEU B 153 20.57 2.19 -0.52
CA LEU B 153 19.33 2.13 -1.30
C LEU B 153 18.71 3.52 -1.35
N ILE B 154 18.35 3.95 -2.55
CA ILE B 154 17.78 5.28 -2.75
C ILE B 154 16.58 5.17 -3.68
N ALA B 155 15.47 5.81 -3.30
CA ALA B 155 14.25 5.74 -4.11
C ALA B 155 13.42 7.02 -4.10
N ALA B 156 12.53 7.13 -5.08
CA ALA B 156 11.67 8.31 -5.24
C ALA B 156 10.47 8.35 -4.30
N ALA B 157 10.18 9.52 -3.75
CA ALA B 157 9.06 9.66 -2.82
C ALA B 157 7.70 9.57 -3.51
N GLY B 158 7.65 9.81 -4.81
CA GLY B 158 6.38 9.74 -5.53
C GLY B 158 5.87 11.11 -5.91
N ASN B 159 5.05 11.17 -6.96
CA ASN B 159 4.53 12.44 -7.48
C ASN B 159 3.04 12.66 -7.26
N ALA B 160 2.46 12.00 -6.26
CA ALA B 160 1.02 12.11 -5.99
C ALA B 160 0.54 13.40 -5.31
N GLY B 161 1.47 14.27 -4.93
CA GLY B 161 1.09 15.52 -4.30
C GLY B 161 0.35 15.41 -2.97
N ASP B 162 0.57 14.32 -2.24
CA ASP B 162 -0.06 14.15 -0.95
C ASP B 162 0.92 13.54 0.05
N SER B 163 0.42 13.09 1.20
CA SER B 163 1.29 12.51 2.22
C SER B 163 1.36 10.99 2.18
N SER B 164 0.90 10.39 1.10
CA SER B 164 0.91 8.93 1.01
C SER B 164 2.33 8.39 0.93
N TYR B 165 2.52 7.18 1.43
CA TYR B 165 3.82 6.54 1.40
C TYR B 165 4.00 5.73 0.12
N SER B 166 5.12 5.95 -0.56
CA SER B 166 5.43 5.17 -1.75
C SER B 166 6.59 4.28 -1.32
N TYR B 167 6.57 3.04 -1.76
CA TYR B 167 7.62 2.09 -1.40
C TYR B 167 8.34 1.69 -2.69
N PRO B 168 9.63 1.32 -2.58
CA PRO B 168 10.50 1.20 -1.40
C PRO B 168 10.97 2.46 -0.66
N ALA B 169 10.76 3.64 -1.22
CA ALA B 169 11.23 4.85 -0.57
C ALA B 169 10.87 4.97 0.91
N SER B 170 9.65 4.56 1.26
CA SER B 170 9.19 4.69 2.63
C SER B 170 9.62 3.66 3.67
N TYR B 171 10.52 2.75 3.28
CA TYR B 171 11.05 1.77 4.24
C TYR B 171 12.24 2.49 4.91
N ASP B 172 12.51 2.20 6.19
CA ASP B 172 13.62 2.85 6.89
C ASP B 172 15.00 2.60 6.28
N SER B 173 15.13 1.52 5.54
CA SER B 173 16.41 1.14 4.93
C SER B 173 16.70 1.85 3.61
N VAL B 174 15.76 2.66 3.15
CA VAL B 174 15.88 3.36 1.88
C VAL B 174 15.75 4.87 2.02
N MET B 175 16.57 5.63 1.29
CA MET B 175 16.47 7.08 1.35
C MET B 175 15.31 7.52 0.47
N SER B 176 14.35 8.24 1.04
CA SER B 176 13.20 8.72 0.27
C SER B 176 13.56 10.10 -0.27
N VAL B 177 13.56 10.24 -1.59
CA VAL B 177 13.95 11.49 -2.23
C VAL B 177 12.82 12.38 -2.73
N ALA B 178 12.88 13.65 -2.35
CA ALA B 178 11.88 14.64 -2.75
C ALA B 178 12.43 15.46 -3.91
N ALA B 179 11.54 16.16 -4.62
CA ALA B 179 11.94 16.98 -5.76
C ALA B 179 11.80 18.48 -5.51
N VAL B 180 12.76 19.25 -6.00
CA VAL B 180 12.73 20.71 -5.89
C VAL B 180 13.05 21.28 -7.27
N ASP B 181 12.72 22.54 -7.51
CA ASP B 181 13.01 23.14 -8.81
C ASP B 181 14.29 23.97 -8.78
N SER B 182 14.58 24.69 -9.87
CA SER B 182 15.82 25.45 -9.94
C SER B 182 15.94 26.65 -9.03
N ASN B 183 14.92 26.89 -8.20
CA ASN B 183 14.99 27.97 -7.23
C ASN B 183 15.02 27.33 -5.85
N LEU B 184 15.08 26.00 -5.86
CA LEU B 184 15.09 25.18 -4.65
C LEU B 184 13.73 25.15 -3.95
N ASP B 185 12.68 25.47 -4.70
CA ASP B 185 11.33 25.45 -4.15
C ASP B 185 10.81 24.02 -4.25
N HIS B 186 10.10 23.59 -3.21
CA HIS B 186 9.52 22.26 -3.17
C HIS B 186 8.55 22.08 -4.34
N ALA B 187 8.70 20.97 -5.08
CA ALA B 187 7.83 20.68 -6.22
C ALA B 187 6.44 20.32 -5.71
N ALA B 188 5.42 21.00 -6.23
CA ALA B 188 4.05 20.77 -5.80
C ALA B 188 3.59 19.30 -5.86
N PHE B 189 4.14 18.53 -6.78
CA PHE B 189 3.75 17.12 -6.92
C PHE B 189 4.48 16.17 -5.97
N SER B 190 5.60 16.60 -5.42
CA SER B 190 6.42 15.76 -4.54
C SER B 190 5.72 15.37 -3.24
N GLN B 191 5.49 14.07 -3.06
CA GLN B 191 4.83 13.59 -1.86
C GLN B 191 5.61 13.97 -0.61
N TYR B 192 4.88 14.40 0.42
CA TYR B 192 5.50 14.82 1.67
C TYR B 192 5.15 13.86 2.80
N THR B 193 6.17 13.23 3.38
CA THR B 193 5.96 12.25 4.44
C THR B 193 7.06 12.34 5.49
N ASP B 194 6.90 11.61 6.59
CA ASP B 194 7.92 11.62 7.63
C ASP B 194 9.08 10.71 7.25
N GLN B 195 9.03 10.18 6.02
CA GLN B 195 10.11 9.34 5.53
C GLN B 195 11.00 10.17 4.60
N VAL B 196 10.43 11.20 3.97
CA VAL B 196 11.21 12.05 3.06
C VAL B 196 12.47 12.47 3.80
N GLU B 197 13.61 12.19 3.17
CA GLU B 197 14.91 12.40 3.78
C GLU B 197 15.79 13.47 3.17
N ILE B 198 15.77 13.58 1.85
CA ILE B 198 16.63 14.54 1.18
C ILE B 198 15.98 14.96 -0.13
N SER B 199 16.42 16.08 -0.69
CA SER B 199 15.87 16.60 -1.92
C SER B 199 16.90 16.70 -3.04
N GLY B 200 16.39 16.69 -4.27
CA GLY B 200 17.26 16.81 -5.43
C GLY B 200 16.50 17.46 -6.57
N PRO B 201 17.19 17.90 -7.63
CA PRO B 201 16.56 18.53 -8.80
C PRO B 201 15.50 17.62 -9.39
N GLY B 202 14.24 18.08 -9.45
CA GLY B 202 13.19 17.24 -9.99
C GLY B 202 12.16 17.93 -10.87
N GLU B 203 12.39 19.20 -11.21
CA GLU B 203 11.48 19.93 -12.08
C GLU B 203 12.27 20.43 -13.28
N ALA B 204 11.76 20.17 -14.48
CA ALA B 204 12.42 20.58 -15.71
C ALA B 204 13.85 20.07 -15.78
N ILE B 205 13.99 18.75 -15.72
CA ILE B 205 15.29 18.10 -15.76
C ILE B 205 15.57 17.58 -17.17
N LEU B 206 16.60 18.14 -17.80
CA LEU B 206 17.00 17.76 -19.13
C LEU B 206 17.97 16.60 -19.04
N SER B 207 17.73 15.57 -19.84
CA SER B 207 18.62 14.41 -19.85
C SER B 207 18.44 13.64 -21.15
N THR B 208 19.22 12.59 -21.30
CA THR B 208 19.19 11.72 -22.47
C THR B 208 17.92 10.87 -22.51
N VAL B 209 17.42 10.59 -23.70
CA VAL B 209 16.27 9.71 -23.84
C VAL B 209 16.56 8.80 -25.02
N THR B 210 15.78 7.75 -25.19
CA THR B 210 15.98 6.83 -26.29
C THR B 210 16.13 7.63 -27.58
N VAL B 211 17.18 7.33 -28.34
CA VAL B 211 17.47 8.04 -29.58
C VAL B 211 16.25 8.28 -30.46
N GLY B 212 16.01 9.55 -30.78
CA GLY B 212 14.90 9.93 -31.65
C GLY B 212 13.52 10.10 -31.01
N GLU B 213 13.41 9.78 -29.73
CA GLU B 213 12.11 9.89 -29.05
C GLU B 213 11.94 11.19 -28.27
N GLY B 214 13.01 11.97 -28.19
CA GLY B 214 12.97 13.22 -27.44
C GLY B 214 12.34 14.40 -28.13
N ARG B 215 12.25 15.50 -27.39
CA ARG B 215 11.67 16.73 -27.90
C ARG B 215 12.40 17.86 -27.21
N LEU B 216 12.73 18.91 -27.96
CA LEU B 216 13.45 20.05 -27.40
C LEU B 216 12.92 21.37 -27.93
N ALA B 217 13.27 22.45 -27.25
CA ALA B 217 12.85 23.78 -27.65
C ALA B 217 14.09 24.66 -27.77
N ASP B 218 13.97 25.78 -28.44
CA ASP B 218 15.09 26.69 -28.59
C ASP B 218 14.57 28.09 -28.84
N ILE B 219 15.38 29.07 -28.44
CA ILE B 219 15.07 30.49 -28.65
C ILE B 219 16.37 31.03 -29.22
N THR B 220 16.29 31.72 -30.34
CA THR B 220 17.47 32.26 -30.98
C THR B 220 17.29 33.73 -31.33
N ILE B 221 18.26 34.55 -30.94
CA ILE B 221 18.24 35.97 -31.22
C ILE B 221 19.66 36.35 -31.62
N GLY B 222 19.79 37.07 -32.74
CA GLY B 222 21.11 37.45 -33.20
C GLY B 222 21.98 36.25 -33.53
N GLY B 223 21.36 35.15 -33.94
CA GLY B 223 22.10 33.95 -34.28
C GLY B 223 22.60 33.16 -33.09
N GLN B 224 22.31 33.66 -31.88
CA GLN B 224 22.73 33.00 -30.65
C GLN B 224 21.58 32.27 -29.97
N SER B 225 21.85 31.08 -29.45
CA SER B 225 20.83 30.26 -28.79
C SER B 225 20.77 30.38 -27.27
N TYR B 226 19.55 30.33 -26.72
CA TYR B 226 19.31 30.40 -25.29
C TYR B 226 19.14 28.99 -24.72
N PHE B 227 19.38 27.97 -25.54
CA PHE B 227 19.22 26.59 -25.12
C PHE B 227 19.81 26.27 -23.75
N SER B 228 21.06 26.66 -23.53
CA SER B 228 21.74 26.38 -22.27
C SER B 228 21.14 27.10 -21.06
N ASN B 229 20.31 28.11 -21.31
CA ASN B 229 19.65 28.83 -20.22
C ASN B 229 18.53 27.95 -19.69
N GLY B 230 18.04 27.05 -20.54
CA GLY B 230 16.94 26.18 -20.17
C GLY B 230 15.68 26.67 -20.86
N VAL B 231 15.27 26.00 -21.93
CA VAL B 231 14.06 26.37 -22.66
C VAL B 231 13.23 25.11 -22.78
N VAL B 232 12.04 25.12 -22.18
CA VAL B 232 11.17 23.96 -22.18
C VAL B 232 10.03 24.04 -23.18
N PRO B 233 9.92 23.03 -24.06
CA PRO B 233 8.82 23.07 -25.03
C PRO B 233 7.54 22.79 -24.24
N HIS B 234 6.49 23.59 -24.46
CA HIS B 234 5.26 23.39 -23.72
C HIS B 234 4.67 22.00 -23.88
N ASN B 235 4.39 21.36 -22.74
CA ASN B 235 3.80 20.02 -22.73
C ASN B 235 2.30 20.26 -22.90
N ARG B 236 1.90 20.49 -24.15
CA ARG B 236 0.50 20.78 -24.48
C ARG B 236 -0.41 19.56 -24.52
N LEU B 237 -1.57 19.70 -23.90
CA LEU B 237 -2.57 18.63 -23.87
C LEU B 237 -3.89 19.17 -24.39
N THR B 238 -4.60 18.37 -25.18
CA THR B 238 -5.89 18.76 -25.72
C THR B 238 -6.88 17.65 -25.40
N PRO B 239 -8.17 17.99 -25.25
CA PRO B 239 -9.19 16.98 -24.93
C PRO B 239 -9.13 15.74 -25.80
N SER B 240 -9.25 14.58 -25.15
CA SER B 240 -9.22 13.30 -25.82
C SER B 240 -10.23 12.37 -25.15
N GLY B 241 -11.34 12.12 -25.82
CA GLY B 241 -12.36 11.25 -25.24
C GLY B 241 -12.94 11.89 -24.00
N THR B 242 -12.64 11.30 -22.85
CA THR B 242 -13.14 11.80 -21.57
C THR B 242 -12.01 12.43 -20.77
N SER B 243 -10.82 12.50 -21.37
CA SER B 243 -9.66 13.08 -20.71
C SER B 243 -8.87 13.99 -21.64
N TYR B 244 -7.55 13.96 -21.49
CA TYR B 244 -6.66 14.77 -22.31
C TYR B 244 -5.52 13.92 -22.86
N ALA B 245 -5.01 14.31 -24.01
CA ALA B 245 -3.91 13.60 -24.65
C ALA B 245 -2.88 14.62 -25.15
N PRO B 246 -1.60 14.23 -25.15
CA PRO B 246 -0.56 15.16 -25.62
C PRO B 246 -0.77 15.58 -27.07
N ALA B 247 -0.70 16.88 -27.31
CA ALA B 247 -0.86 17.44 -28.65
C ALA B 247 0.22 18.51 -28.79
N PRO B 248 1.49 18.10 -28.83
CA PRO B 248 2.61 19.02 -28.96
C PRO B 248 2.65 19.79 -30.28
N ILE B 249 3.02 21.07 -30.19
CA ILE B 249 3.14 21.89 -31.38
C ILE B 249 4.62 21.93 -31.70
N ASN B 250 5.03 21.18 -32.72
CA ASN B 250 6.42 21.16 -33.13
C ASN B 250 6.59 21.94 -34.42
N ALA B 251 7.06 23.18 -34.29
CA ALA B 251 7.27 24.06 -35.43
C ALA B 251 8.18 25.19 -35.00
N SER B 252 8.56 26.02 -35.97
CA SER B 252 9.42 27.17 -35.71
C SER B 252 8.74 28.46 -36.17
N ALA B 253 8.82 29.49 -35.34
CA ALA B 253 8.22 30.78 -35.65
C ALA B 253 9.27 31.86 -35.43
N THR B 254 9.29 32.85 -36.32
CA THR B 254 10.24 33.95 -36.23
C THR B 254 9.51 35.28 -36.34
N GLY B 255 9.83 36.20 -35.42
CA GLY B 255 9.19 37.50 -35.43
C GLY B 255 9.79 38.40 -34.36
N ALA B 256 9.49 39.69 -34.44
CA ALA B 256 10.01 40.63 -33.45
C ALA B 256 9.49 40.26 -32.07
N LEU B 257 10.35 40.38 -31.05
CA LEU B 257 9.95 40.05 -29.69
C LEU B 257 9.14 41.20 -29.09
N ALA B 258 8.03 40.87 -28.45
CA ALA B 258 7.18 41.87 -27.82
C ALA B 258 6.64 41.27 -26.53
N GLU B 259 6.51 42.08 -25.49
CA GLU B 259 6.02 41.57 -24.22
C GLU B 259 4.58 41.97 -23.89
N CYS B 260 3.83 40.99 -23.40
CA CYS B 260 2.45 41.23 -22.98
C CYS B 260 2.51 41.71 -21.54
N THR B 261 1.94 42.87 -21.28
CA THR B 261 1.94 43.44 -19.94
C THR B 261 1.01 42.69 -18.99
N VAL B 262 1.55 42.30 -17.84
CA VAL B 262 0.76 41.60 -16.83
C VAL B 262 0.59 42.53 -15.63
N ASN B 263 -0.65 42.66 -15.18
CA ASN B 263 -0.97 43.50 -14.04
C ASN B 263 -1.81 42.62 -13.12
N GLY B 264 -1.18 42.05 -12.11
CA GLY B 264 -1.90 41.17 -11.21
C GLY B 264 -2.40 39.96 -11.99
N THR B 265 -3.71 39.77 -12.00
CA THR B 265 -4.30 38.65 -12.72
C THR B 265 -4.82 39.09 -14.08
N SER B 266 -4.50 40.33 -14.47
CA SER B 266 -4.96 40.87 -15.75
C SER B 266 -3.88 40.97 -16.83
N PHE B 267 -4.30 40.88 -18.08
CA PHE B 267 -3.40 40.95 -19.23
C PHE B 267 -3.69 42.14 -20.13
N SER B 268 -2.63 42.72 -20.68
CA SER B 268 -2.73 43.85 -21.61
C SER B 268 -1.67 43.58 -22.67
N CYS B 269 -1.99 42.69 -23.60
CA CYS B 269 -1.06 42.29 -24.65
C CYS B 269 -0.94 43.21 -25.86
N GLY B 270 -1.97 43.99 -26.16
CA GLY B 270 -1.89 44.84 -27.33
C GLY B 270 -1.92 43.99 -28.58
N ASN B 271 -1.24 44.42 -29.64
CA ASN B 271 -1.22 43.67 -30.89
C ASN B 271 0.02 42.78 -30.99
N MET B 272 -0.19 41.47 -31.01
CA MET B 272 0.92 40.52 -31.11
C MET B 272 1.05 39.87 -32.48
N ALA B 273 0.29 40.35 -33.46
CA ALA B 273 0.34 39.79 -34.81
C ALA B 273 1.77 39.87 -35.36
N ASN B 274 2.25 38.75 -35.90
CA ASN B 274 3.59 38.66 -36.48
C ASN B 274 4.74 38.85 -35.49
N LYS B 275 4.45 38.60 -34.21
CA LYS B 275 5.48 38.76 -33.18
C LYS B 275 5.60 37.56 -32.26
N ILE B 276 6.75 37.49 -31.58
CA ILE B 276 7.00 36.44 -30.59
C ILE B 276 6.59 37.15 -29.32
N CYS B 277 5.60 36.59 -28.63
CA CYS B 277 5.06 37.17 -27.40
C CYS B 277 5.70 36.65 -26.12
N LEU B 278 6.36 37.56 -25.40
CA LEU B 278 7.00 37.24 -24.12
C LEU B 278 5.97 37.59 -23.05
N VAL B 279 5.66 36.66 -22.16
CA VAL B 279 4.67 36.94 -21.12
C VAL B 279 5.01 36.27 -19.80
N GLU B 280 4.81 37.02 -18.72
CA GLU B 280 5.05 36.49 -17.39
C GLU B 280 3.91 35.56 -17.02
N ARG B 281 4.26 34.44 -16.41
CA ARG B 281 3.28 33.45 -16.00
C ARG B 281 2.37 33.97 -14.88
N VAL B 282 1.06 33.79 -15.05
CA VAL B 282 0.11 34.19 -14.02
C VAL B 282 -0.38 32.91 -13.36
N GLY B 283 -0.17 32.80 -12.05
CA GLY B 283 -0.57 31.62 -11.33
C GLY B 283 0.52 30.56 -11.46
N ASN B 284 0.32 29.41 -10.82
CA ASN B 284 1.28 28.31 -10.90
C ASN B 284 0.57 26.98 -10.77
N GLN B 285 1.12 25.96 -11.43
CA GLN B 285 0.56 24.63 -11.40
C GLN B 285 0.51 24.06 -9.98
N GLY B 286 -0.59 23.38 -9.67
CA GLY B 286 -0.76 22.79 -8.36
C GLY B 286 -2.16 22.22 -8.30
N SER B 287 -3.06 22.96 -7.65
CA SER B 287 -4.45 22.52 -7.56
C SER B 287 -5.11 22.70 -8.92
N SER B 288 -4.49 23.52 -9.77
CA SER B 288 -4.98 23.78 -11.12
C SER B 288 -3.82 23.82 -12.11
N TYR B 289 -4.15 24.03 -13.39
CA TYR B 289 -3.15 24.09 -14.45
C TYR B 289 -3.38 25.40 -15.22
N PRO B 290 -2.89 26.51 -14.66
CA PRO B 290 -3.01 27.87 -15.22
C PRO B 290 -2.13 28.27 -16.39
N GLU B 291 -1.22 27.40 -16.82
CA GLU B 291 -0.33 27.75 -17.93
C GLU B 291 -1.09 28.32 -19.14
N ILE B 292 -2.27 27.78 -19.41
CA ILE B 292 -3.07 28.24 -20.55
C ILE B 292 -3.47 29.71 -20.46
N ASN B 293 -3.49 30.28 -19.27
CA ASN B 293 -3.89 31.68 -19.11
C ASN B 293 -2.96 32.68 -19.78
N SER B 294 -1.70 32.72 -19.34
CA SER B 294 -0.74 33.64 -19.95
C SER B 294 -0.50 33.25 -21.40
N THR B 295 -0.49 31.95 -21.68
CA THR B 295 -0.26 31.49 -23.04
C THR B 295 -1.37 31.96 -23.98
N LYS B 296 -2.62 31.77 -23.56
CA LYS B 296 -3.75 32.17 -24.39
C LYS B 296 -3.83 33.68 -24.56
N ALA B 297 -3.44 34.42 -23.54
CA ALA B 297 -3.48 35.88 -23.62
C ALA B 297 -2.64 36.31 -24.82
N CYS B 298 -1.49 35.65 -24.98
CA CYS B 298 -0.59 35.94 -26.09
C CYS B 298 -1.18 35.49 -27.42
N LYS B 299 -1.72 34.27 -27.45
CA LYS B 299 -2.30 33.73 -28.67
C LYS B 299 -3.46 34.58 -29.19
N THR B 300 -4.36 34.95 -28.28
CA THR B 300 -5.52 35.76 -28.64
C THR B 300 -5.04 37.07 -29.27
N ALA B 301 -3.95 37.62 -28.73
CA ALA B 301 -3.39 38.86 -29.23
C ALA B 301 -2.82 38.70 -30.64
N GLY B 302 -2.71 37.45 -31.10
CA GLY B 302 -2.21 37.19 -32.44
C GLY B 302 -0.76 36.73 -32.58
N ALA B 303 -0.14 36.34 -31.46
CA ALA B 303 1.26 35.90 -31.47
C ALA B 303 1.58 34.74 -32.42
N LYS B 304 2.76 34.78 -33.03
CA LYS B 304 3.21 33.72 -33.92
C LYS B 304 3.99 32.67 -33.14
N GLY B 305 4.49 33.08 -31.97
CA GLY B 305 5.26 32.21 -31.11
C GLY B 305 5.12 32.77 -29.71
N ILE B 306 5.28 31.95 -28.68
CA ILE B 306 5.10 32.42 -27.31
C ILE B 306 6.17 31.93 -26.34
N ILE B 307 6.60 32.82 -25.46
CA ILE B 307 7.61 32.50 -24.44
C ILE B 307 7.06 32.94 -23.09
N VAL B 308 6.74 31.96 -22.24
CA VAL B 308 6.22 32.26 -20.91
C VAL B 308 7.36 32.16 -19.91
N TYR B 309 7.57 33.18 -19.09
CA TYR B 309 8.63 33.12 -18.09
C TYR B 309 8.06 33.10 -16.69
N SER B 310 8.80 32.47 -15.78
CA SER B 310 8.38 32.32 -14.39
C SER B 310 8.10 33.60 -13.64
N ASN B 311 7.11 33.55 -12.76
CA ASN B 311 6.76 34.70 -11.93
C ASN B 311 7.57 34.63 -10.64
N SER B 312 7.49 35.69 -9.84
CA SER B 312 8.24 35.76 -8.59
C SER B 312 7.89 34.68 -7.57
N ALA B 313 6.69 34.12 -7.66
CA ALA B 313 6.25 33.08 -6.72
C ALA B 313 7.08 31.79 -6.89
N LEU B 314 7.29 31.38 -8.13
CA LEU B 314 8.08 30.20 -8.45
C LEU B 314 8.96 30.59 -9.63
N PRO B 315 10.04 31.34 -9.35
CA PRO B 315 10.98 31.82 -10.35
C PRO B 315 11.87 30.79 -11.04
N GLY B 316 11.89 29.57 -10.52
CA GLY B 316 12.70 28.53 -11.11
C GLY B 316 12.16 28.08 -12.46
N LEU B 317 12.90 27.22 -13.16
CA LEU B 317 12.45 26.74 -14.46
C LEU B 317 11.29 25.77 -14.30
N GLN B 318 10.16 26.08 -14.93
CA GLN B 318 8.98 25.22 -14.83
C GLN B 318 8.67 24.51 -16.14
N ASN B 319 8.14 23.29 -16.02
CA ASN B 319 7.76 22.45 -17.16
C ASN B 319 6.33 22.00 -16.87
N PRO B 320 5.38 22.95 -16.86
CA PRO B 320 3.98 22.66 -16.56
C PRO B 320 3.15 22.08 -17.71
N PHE B 321 1.99 21.54 -17.35
CA PHE B 321 1.09 21.01 -18.35
C PHE B 321 0.31 22.17 -18.94
N LEU B 322 0.32 22.26 -20.26
CA LEU B 322 -0.42 23.31 -20.94
C LEU B 322 -1.75 22.67 -21.33
N VAL B 323 -2.72 22.77 -20.44
CA VAL B 323 -4.04 22.20 -20.69
C VAL B 323 -4.78 23.16 -21.63
N ASP B 324 -4.89 22.75 -22.88
CA ASP B 324 -5.54 23.55 -23.93
C ASP B 324 -6.92 22.99 -24.28
N ALA B 325 -7.90 23.26 -23.41
CA ALA B 325 -9.26 22.79 -23.58
C ALA B 325 -9.90 23.08 -24.94
N ASN B 326 -9.66 24.28 -25.47
CA ASN B 326 -10.25 24.65 -26.76
C ASN B 326 -9.27 24.56 -27.92
N SER B 327 -8.12 23.94 -27.68
CA SER B 327 -7.09 23.79 -28.70
C SER B 327 -6.71 25.13 -29.31
N ASP B 328 -6.62 26.16 -28.46
CA ASP B 328 -6.28 27.51 -28.91
C ASP B 328 -4.82 27.71 -29.28
N ILE B 329 -3.92 27.06 -28.54
CA ILE B 329 -2.49 27.20 -28.78
C ILE B 329 -1.99 26.34 -29.93
N THR B 330 -2.02 26.90 -31.14
CA THR B 330 -1.59 26.19 -32.34
C THR B 330 -0.23 26.68 -32.82
N VAL B 331 0.43 27.50 -32.01
CA VAL B 331 1.75 28.02 -32.36
C VAL B 331 2.78 27.48 -31.38
N PRO B 332 4.07 27.52 -31.75
CA PRO B 332 5.10 27.01 -30.84
C PRO B 332 5.21 27.89 -29.60
N SER B 333 5.10 27.28 -28.43
CA SER B 333 5.19 28.02 -27.18
C SER B 333 6.16 27.31 -26.25
N VAL B 334 6.90 28.09 -25.46
CA VAL B 334 7.90 27.52 -24.54
C VAL B 334 7.88 28.16 -23.16
N SER B 335 8.61 27.55 -22.23
CA SER B 335 8.70 28.04 -20.87
C SER B 335 10.17 28.26 -20.47
N VAL B 336 10.45 29.40 -19.84
CA VAL B 336 11.81 29.73 -19.39
C VAL B 336 11.72 30.25 -17.96
N ASP B 337 12.82 30.20 -17.22
CA ASP B 337 12.80 30.67 -15.84
C ASP B 337 12.74 32.20 -15.79
N ARG B 338 12.53 32.75 -14.60
CA ARG B 338 12.43 34.20 -14.47
C ARG B 338 13.66 34.96 -14.91
N ALA B 339 14.85 34.46 -14.57
CA ALA B 339 16.09 35.12 -14.93
C ALA B 339 16.21 35.27 -16.44
N THR B 340 15.80 34.24 -17.16
CA THR B 340 15.86 34.25 -18.62
C THR B 340 14.79 35.16 -19.19
N GLY B 341 13.59 35.12 -18.62
CA GLY B 341 12.53 35.98 -19.10
C GLY B 341 12.95 37.43 -18.94
N LEU B 342 13.51 37.76 -17.78
CA LEU B 342 13.95 39.13 -17.52
C LEU B 342 15.08 39.52 -18.47
N ALA B 343 15.97 38.58 -18.76
CA ALA B 343 17.09 38.86 -19.67
C ALA B 343 16.59 39.09 -21.10
N LEU B 344 15.49 38.44 -21.46
CA LEU B 344 14.91 38.57 -22.79
C LEU B 344 14.33 39.96 -23.03
N LYS B 345 14.01 40.67 -21.95
CA LYS B 345 13.45 42.01 -22.06
C LYS B 345 14.38 42.93 -22.84
N ALA B 346 15.69 42.73 -22.66
CA ALA B 346 16.67 43.56 -23.34
C ALA B 346 16.59 43.43 -24.86
N LYS B 347 16.07 42.30 -25.33
CA LYS B 347 15.98 42.04 -26.76
C LYS B 347 14.63 42.40 -27.39
N LEU B 348 13.76 43.05 -26.63
CA LEU B 348 12.45 43.41 -27.18
C LEU B 348 12.64 44.21 -28.48
N GLY B 349 11.86 43.84 -29.50
CA GLY B 349 11.93 44.50 -30.78
C GLY B 349 12.79 43.76 -31.78
N GLN B 350 13.67 42.89 -31.28
CA GLN B 350 14.57 42.13 -32.14
C GLN B 350 13.96 40.82 -32.66
N SER B 351 14.37 40.43 -33.86
CA SER B 351 13.87 39.21 -34.48
C SER B 351 14.24 38.03 -33.61
N THR B 352 13.22 37.27 -33.22
CA THR B 352 13.40 36.12 -32.35
C THR B 352 12.81 34.86 -32.99
N THR B 353 13.52 33.76 -32.87
CA THR B 353 13.06 32.49 -33.42
C THR B 353 12.77 31.50 -32.30
N VAL B 354 11.53 31.07 -32.20
CA VAL B 354 11.13 30.11 -31.18
C VAL B 354 10.75 28.82 -31.90
N SER B 355 11.33 27.71 -31.45
CA SER B 355 11.01 26.44 -32.09
C SER B 355 10.95 25.26 -31.15
N ASN B 356 10.01 24.37 -31.43
CA ASN B 356 9.81 23.12 -30.70
C ASN B 356 10.07 22.08 -31.77
N GLN B 357 10.88 21.08 -31.47
CA GLN B 357 11.18 20.05 -32.45
C GLN B 357 11.24 18.67 -31.84
N GLY B 358 10.62 17.70 -32.51
CA GLY B 358 10.63 16.34 -32.02
C GLY B 358 11.80 15.59 -32.63
N ASN B 359 11.79 14.27 -32.51
CA ASN B 359 12.85 13.43 -33.06
C ASN B 359 14.22 13.78 -32.47
N GLN B 360 14.24 14.20 -31.21
CA GLN B 360 15.49 14.55 -30.55
C GLN B 360 16.02 13.40 -29.71
N ASP B 361 17.21 13.58 -29.14
CA ASP B 361 17.82 12.54 -28.31
C ASP B 361 17.91 12.98 -26.85
N TYR B 362 17.18 14.04 -26.51
CA TYR B 362 17.17 14.59 -25.15
C TYR B 362 15.78 15.10 -24.86
N GLU B 363 15.46 15.30 -23.60
CA GLU B 363 14.13 15.78 -23.24
C GLU B 363 14.02 16.19 -21.79
N TYR B 364 13.14 17.15 -21.52
CA TYR B 364 12.90 17.62 -20.16
C TYR B 364 11.81 16.77 -19.51
N TYR B 365 12.09 16.27 -18.31
CA TYR B 365 11.14 15.46 -17.52
C TYR B 365 11.00 16.11 -16.14
N ASN B 366 9.91 15.81 -15.45
CA ASN B 366 9.67 16.30 -14.08
C ASN B 366 9.43 15.06 -13.22
N GLY B 367 9.73 15.16 -11.93
CA GLY B 367 9.45 14.03 -11.05
C GLY B 367 10.47 13.70 -9.99
N THR B 368 9.99 13.04 -8.94
CA THR B 368 10.87 12.61 -7.87
C THR B 368 11.79 11.54 -8.47
N SER B 369 11.38 10.98 -9.60
CA SER B 369 12.17 9.96 -10.30
C SER B 369 13.39 10.62 -10.93
N MET B 370 13.33 11.93 -11.12
CA MET B 370 14.44 12.68 -11.69
C MET B 370 15.36 13.19 -10.57
N ALA B 371 14.78 13.42 -9.41
CA ALA B 371 15.55 13.89 -8.26
C ALA B 371 16.40 12.75 -7.74
N THR B 372 15.84 11.54 -7.79
CA THR B 372 16.51 10.35 -7.32
C THR B 372 17.91 10.12 -7.91
N PRO B 373 18.06 10.14 -9.25
CA PRO B 373 19.40 9.93 -9.79
C PRO B 373 20.41 11.02 -9.42
N HIS B 374 19.93 12.23 -9.12
CA HIS B 374 20.86 13.28 -8.71
C HIS B 374 21.40 12.85 -7.35
N VAL B 375 20.52 12.37 -6.49
CA VAL B 375 20.92 11.93 -5.17
C VAL B 375 21.80 10.68 -5.18
N SER B 376 21.40 9.66 -5.95
CA SER B 376 22.19 8.43 -6.00
C SER B 376 23.49 8.65 -6.76
N GLY B 377 23.45 9.52 -7.77
CA GLY B 377 24.64 9.83 -8.54
C GLY B 377 25.64 10.52 -7.62
N VAL B 378 25.17 11.51 -6.87
CA VAL B 378 26.04 12.22 -5.94
C VAL B 378 26.53 11.30 -4.83
N ALA B 379 25.67 10.41 -4.34
CA ALA B 379 26.05 9.48 -3.28
C ALA B 379 27.23 8.65 -3.75
N THR B 380 27.15 8.19 -4.99
CA THR B 380 28.20 7.38 -5.60
C THR B 380 29.48 8.17 -5.79
N LEU B 381 29.34 9.40 -6.28
CA LEU B 381 30.48 10.28 -6.51
C LEU B 381 31.23 10.55 -5.20
N VAL B 382 30.47 10.92 -4.18
CA VAL B 382 31.04 11.22 -2.87
C VAL B 382 31.67 9.98 -2.26
N TRP B 383 30.96 8.85 -2.34
CA TRP B 383 31.45 7.59 -1.77
C TRP B 383 32.78 7.17 -2.39
N SER B 384 33.01 7.51 -3.66
CA SER B 384 34.24 7.12 -4.33
C SER B 384 35.49 7.70 -3.65
N TYR B 385 35.32 8.76 -2.87
CA TYR B 385 36.46 9.36 -2.17
C TYR B 385 36.73 8.63 -0.84
N HIS B 386 35.74 7.90 -0.35
CA HIS B 386 35.87 7.19 0.93
C HIS B 386 35.17 5.83 0.83
N PRO B 387 35.67 4.96 -0.05
CA PRO B 387 35.11 3.63 -0.27
C PRO B 387 35.09 2.71 0.94
N GLU B 388 35.82 3.05 2.00
CA GLU B 388 35.81 2.20 3.17
C GLU B 388 34.69 2.53 4.15
N CYS B 389 34.04 3.67 3.95
CA CYS B 389 32.93 4.02 4.83
C CYS B 389 31.75 3.15 4.42
N SER B 390 30.86 2.84 5.37
CA SER B 390 29.70 2.00 5.08
C SER B 390 28.56 2.80 4.45
N ALA B 391 27.62 2.08 3.86
CA ALA B 391 26.45 2.71 3.24
C ALA B 391 25.74 3.59 4.28
N SER B 392 25.61 3.07 5.51
CA SER B 392 24.95 3.82 6.58
C SER B 392 25.66 5.13 6.89
N GLN B 393 26.99 5.07 6.89
CA GLN B 393 27.79 6.26 7.18
C GLN B 393 27.68 7.29 6.05
N VAL B 394 27.64 6.82 4.80
CA VAL B 394 27.51 7.73 3.68
C VAL B 394 26.14 8.40 3.72
N ARG B 395 25.11 7.61 4.00
CA ARG B 395 23.75 8.11 4.08
C ARG B 395 23.70 9.23 5.12
N ALA B 396 24.28 8.98 6.29
CA ALA B 396 24.30 9.99 7.35
C ALA B 396 25.04 11.25 6.91
N ALA B 397 26.11 11.08 6.15
CA ALA B 397 26.90 12.21 5.67
C ALA B 397 26.06 13.07 4.74
N LEU B 398 25.31 12.42 3.85
CA LEU B 398 24.48 13.14 2.91
C LEU B 398 23.43 13.97 3.64
N ASN B 399 22.82 13.39 4.67
CA ASN B 399 21.80 14.10 5.43
C ASN B 399 22.36 15.22 6.30
N ALA B 400 23.48 14.95 6.96
CA ALA B 400 24.12 15.92 7.82
C ALA B 400 24.63 17.16 7.08
N THR B 401 24.86 17.03 5.77
CA THR B 401 25.39 18.13 4.99
C THR B 401 24.45 18.72 3.94
N ALA B 402 23.20 18.26 3.92
CA ALA B 402 22.24 18.79 2.95
C ALA B 402 21.94 20.23 3.32
N ASP B 403 21.66 21.07 2.33
CA ASP B 403 21.33 22.46 2.62
C ASP B 403 19.87 22.53 3.01
N ASP B 404 19.62 22.88 4.26
CA ASP B 404 18.27 22.99 4.82
C ASP B 404 17.38 23.87 3.95
N LEU B 405 16.21 23.35 3.60
CA LEU B 405 15.24 24.08 2.77
C LEU B 405 13.94 24.27 3.55
N SER B 406 13.01 25.04 2.97
CA SER B 406 11.72 25.29 3.59
C SER B 406 11.90 25.72 5.04
N VAL B 407 11.05 25.21 5.93
CA VAL B 407 11.14 25.57 7.35
C VAL B 407 12.43 25.01 7.95
N ALA B 408 12.92 25.68 8.99
CA ALA B 408 14.15 25.25 9.65
C ALA B 408 14.04 23.81 10.12
N GLY B 409 15.12 23.05 9.93
CA GLY B 409 15.14 21.67 10.35
C GLY B 409 14.54 20.72 9.32
N ARG B 410 14.52 19.44 9.65
CA ARG B 410 13.95 18.44 8.75
C ARG B 410 12.44 18.63 8.64
N ASP B 411 11.92 18.56 7.43
CA ASP B 411 10.48 18.69 7.22
C ASP B 411 10.03 17.64 6.21
N ASN B 412 8.74 17.32 6.22
CA ASN B 412 8.21 16.28 5.33
C ASN B 412 8.25 16.61 3.85
N GLN B 413 8.41 17.89 3.52
CA GLN B 413 8.46 18.31 2.12
C GLN B 413 9.83 18.15 1.49
N THR B 414 10.87 18.53 2.21
CA THR B 414 12.23 18.48 1.69
C THR B 414 13.24 17.66 2.48
N GLY B 415 12.79 17.00 3.53
CA GLY B 415 13.71 16.22 4.34
C GLY B 415 14.75 17.13 4.95
N TYR B 416 16.01 16.71 4.95
CA TYR B 416 17.06 17.53 5.50
C TYR B 416 17.46 18.66 4.55
N GLY B 417 16.95 18.60 3.33
CA GLY B 417 17.25 19.66 2.38
C GLY B 417 17.88 19.20 1.07
N MET B 418 18.51 20.15 0.38
CA MET B 418 19.15 19.88 -0.91
C MET B 418 20.48 19.17 -0.75
N ILE B 419 20.64 18.05 -1.45
CA ILE B 419 21.89 17.30 -1.38
C ILE B 419 23.04 18.22 -1.81
N ASN B 420 24.17 18.10 -1.13
CA ASN B 420 25.34 18.93 -1.40
C ASN B 420 26.58 18.04 -1.46
N ALA B 421 27.06 17.77 -2.67
CA ALA B 421 28.21 16.90 -2.86
C ALA B 421 29.50 17.35 -2.19
N VAL B 422 29.84 18.62 -2.34
CA VAL B 422 31.06 19.14 -1.75
C VAL B 422 31.05 19.08 -0.23
N ALA B 423 29.93 19.46 0.37
CA ALA B 423 29.81 19.45 1.82
C ALA B 423 29.84 18.02 2.37
N ALA B 424 29.21 17.09 1.66
CA ALA B 424 29.19 15.70 2.09
C ALA B 424 30.60 15.11 2.06
N LYS B 425 31.35 15.47 1.03
CA LYS B 425 32.72 14.99 0.88
C LYS B 425 33.58 15.55 2.02
N ALA B 426 33.39 16.83 2.34
CA ALA B 426 34.15 17.46 3.42
C ALA B 426 33.87 16.77 4.76
N TYR B 427 32.63 16.33 4.94
CA TYR B 427 32.21 15.64 6.16
C TYR B 427 33.00 14.33 6.29
N LEU B 428 33.01 13.54 5.23
CA LEU B 428 33.71 12.26 5.25
C LEU B 428 35.23 12.43 5.22
N ASP B 429 35.69 13.58 4.75
CA ASP B 429 37.13 13.84 4.71
C ASP B 429 37.67 13.83 6.14
N GLU B 430 36.85 14.26 7.10
CA GLU B 430 37.28 14.26 8.49
C GLU B 430 37.33 12.82 9.00
N SER B 431 36.27 12.07 8.73
CA SER B 431 36.21 10.66 9.13
C SER B 431 34.88 10.11 8.63
N CYS B 432 34.73 8.79 8.67
CA CYS B 432 33.48 8.18 8.20
C CYS B 432 32.28 8.62 9.04
N THR B 433 32.55 9.15 10.24
CA THR B 433 31.47 9.60 11.11
C THR B 433 31.39 11.12 11.17
N GLY B 434 32.18 11.78 10.31
CA GLY B 434 32.18 13.23 10.26
C GLY B 434 32.96 13.88 11.39
N PRO B 435 32.75 15.18 11.64
CA PRO B 435 33.47 15.86 12.73
C PRO B 435 33.14 15.26 14.09
N THR B 436 34.07 15.37 15.01
CA THR B 436 33.90 14.84 16.36
C THR B 436 33.47 15.93 17.33
CA CA C . -28.07 -15.21 22.86
CA CA D . 5.32 -17.41 19.43
CA CA E . 0.12 -2.08 14.42
S SO4 F . 5.03 -12.01 0.25
O1 SO4 F . 6.38 -11.66 -0.22
O2 SO4 F . 4.31 -12.68 -0.84
O3 SO4 F . 5.14 -12.93 1.40
O4 SO4 F . 4.30 -10.80 0.67
C PMS G . -11.88 -8.43 5.98
S PMS G . -11.00 -8.46 7.57
C1 PMS G . -12.14 -7.01 5.43
C2 PMS G . -11.12 -6.39 4.62
C3 PMS G . -11.33 -5.08 4.09
C4 PMS G . -12.58 -4.40 4.41
C5 PMS G . -13.59 -5.01 5.21
C6 PMS G . -13.42 -6.32 5.75
O2S PMS G . -10.10 -7.32 7.59
O1S PMS G . -10.27 -9.70 7.70
CA CA H . 27.73 14.74 -23.57
CA CA I . 13.89 22.24 6.34
CA CA J . 12.85 5.60 3.74
CA CA K . 33.15 -1.62 3.38
S SO4 L . 14.77 -14.92 -15.65
O1 SO4 L . 13.31 -14.82 -15.75
O2 SO4 L . 15.18 -16.32 -15.85
O3 SO4 L . 15.40 -14.08 -16.68
O4 SO4 L . 15.20 -14.45 -14.32
C PMS M . 7.60 7.79 -11.24
S PMS M . 8.88 8.38 -10.11
C1 PMS M . 7.50 6.24 -11.30
C2 PMS M . 6.55 5.58 -10.44
C3 PMS M . 6.43 4.16 -10.47
C4 PMS M . 7.27 3.43 -11.38
C5 PMS M . 8.20 4.07 -12.24
C6 PMS M . 8.36 5.49 -12.25
O2S PMS M . 8.79 7.57 -8.90
O1S PMS M . 8.66 9.77 -9.80
#